data_8UW8
#
_entry.id   8UW8
#
_cell.length_a   1.00
_cell.length_b   1.00
_cell.length_c   1.00
_cell.angle_alpha   90.00
_cell.angle_beta   90.00
_cell.angle_gamma   90.00
#
_symmetry.space_group_name_H-M   'P 1'
#
loop_
_entity.id
_entity.type
_entity.pdbx_description
1 polymer 'Membrane-bound transcription factor site-1 protease'
2 polymer 'SREBP regulating gene protein'
3 branched beta-D-mannopyranose-(1-4)-2-acetamido-2-deoxy-beta-D-glucopyranose-(1-4)-2-acetamido-2-deoxy-beta-D-glucopyranose
4 non-polymer 2-acetamido-2-deoxy-beta-D-glucopyranose
5 non-polymer 'CALCIUM ION'
6 water water
#
loop_
_entity_poly.entity_id
_entity_poly.type
_entity_poly.pdbx_seq_one_letter_code
_entity_poly.pdbx_strand_id
1 'polypeptide(L)'
;MKLVNIWLLLLVVLLCGKKHLGDRLEKKSFEKAPCPGCSHLTLKVEFSSTVVEYEYIVAFNGYFTAKARNSFISSALKSS
EVDNWRIIPRNNPSSDYPSDFEVIQIKEKQKAGLLTLEDHPNIKRVTPQRKVFRSLKYAESDPTVPCNETRWSQKWQSSR
PLRRASLSLGSGFWHATGRHSSRRLLRAIPRQVAQTLQADVLWQMGYTGANVRVAVFDTGLSEKHPHFKNVKERTNWTNE
RTLDDGLGHGTFVAGVIASMRECQGFAPDAELHIFRVFTNNQVSYTSWFLDAFNYAILKKIDVLNLSIGGPDFMDHPFVD
KVWELTANNVIMVSAIGNDGPLYGTLNNPADQMDVIGVGGIDFEDNIARFSSRGMTTWELPGGYGRMKPDIVTYGAGVRG
SGVKGGCRALSGTSVASPVVAGAVTLLVSTVQKRELVNPASMKQALIASARRLPGVNMFEQGHGKLDLLRAYQILNSYKP
QASLSPSYIDLTECPYMWPYCSQPIYYGGMPTVVNVTILNGMGVTGRIVDKPDWQPYLPQNGDNIEVAFSYSSVLWPWSG
YLAISISVTKKAASWEGIAQGHVMITVASPAETESKNGAEQTSTVKLPIKVKIIPTPPRSKRVLWDQYHNLRYPPGYFPR
DNLRMKNDPLDWNGDHIHTNFRDMYQHLRSMGYFVEVLGAPFTCFDASQYGTLLMVDSEEEYFPEEIAKLRRDVDNGLSL
VIFSDWYNTSVMRKVKFYDENTRQWWMPDTGGANIPALNELLSVWNMGFSDGLYEGEFTLANHDMYYASGCSIAKFPEDG
VVITQTFKDQGLEVLKQETAVVENVPILGLYQIPAEGGGRIVLYGDSNCLDDSHRQKDCFWLLDALLQYTSYGVTPPSLS
HSGNRQRPPSGAGSVTPERMEGNHLHRYSKVLEAHLGDPKPRPLPACPRLSWAKPQPLNETAPSNLWKHQKLLSIDLDKV
VLPNFRSNRPQVRPLSPGESGAWDIPGGIMPGRYNQEVDYKDDDDKGSDYKDDDDKGSDYKDDDDK
;
A
2 'polypeptide(L)'
;METDTLLLWVLLLWVPGSTGDKQEERAVRDRNLLQVHDHNQPIPWKVQFNLGNSSRPSNQCRNSIQGKHLITDELGYVCE
RKDLLVNGCCNVNVPSTKQYCCDGCWPNGCCSAYEYCVSCCLQPNKQLLLERFLNRAAVAFQNLFMAVEDHFELCLAKCR
TSSQSVQHENTYRDPIAKYCYGESPPELFPAHHHHHHHHHH
;
B
#
loop_
_chem_comp.id
_chem_comp.type
_chem_comp.name
_chem_comp.formula
BMA D-saccharide, beta linking beta-D-mannopyranose 'C6 H12 O6'
CA non-polymer 'CALCIUM ION' 'Ca 2'
NAG D-saccharide, beta linking 2-acetamido-2-deoxy-beta-D-glucopyranose 'C8 H15 N O6'
#
# COMPACT_ATOMS: atom_id res chain seq x y z
N PRO A 190 32.54 -6.61 19.19
CA PRO A 190 31.19 -6.15 18.85
C PRO A 190 30.75 -6.64 17.47
N ARG A 191 29.45 -6.51 17.18
CA ARG A 191 28.91 -7.02 15.93
C ARG A 191 29.46 -6.25 14.74
N GLN A 192 29.70 -6.97 13.65
CA GLN A 192 30.06 -6.39 12.36
C GLN A 192 29.03 -6.87 11.35
N VAL A 193 28.19 -5.95 10.87
CA VAL A 193 27.10 -6.36 9.99
C VAL A 193 27.64 -6.92 8.68
N ALA A 194 28.63 -6.25 8.08
CA ALA A 194 29.19 -6.71 6.81
C ALA A 194 29.82 -8.08 6.97
N GLN A 195 30.62 -8.27 8.02
CA GLN A 195 31.28 -9.56 8.21
C GLN A 195 30.28 -10.68 8.47
N THR A 196 29.20 -10.38 9.20
CA THR A 196 28.23 -11.42 9.53
C THR A 196 27.58 -12.00 8.27
N LEU A 197 27.31 -11.16 7.28
CA LEU A 197 26.78 -11.61 6.01
C LEU A 197 27.88 -12.09 5.05
N GLN A 198 29.06 -12.42 5.59
CA GLN A 198 30.15 -12.97 4.80
C GLN A 198 30.55 -12.05 3.66
N ALA A 199 30.49 -10.74 3.90
CA ALA A 199 31.02 -9.80 2.93
C ALA A 199 32.52 -9.95 2.75
N ASP A 200 33.21 -10.47 3.76
CA ASP A 200 34.65 -10.72 3.63
C ASP A 200 34.93 -11.77 2.57
N VAL A 201 34.10 -12.83 2.50
CA VAL A 201 34.32 -13.88 1.51
C VAL A 201 34.30 -13.31 0.11
N LEU A 202 33.55 -12.22 -0.11
CA LEU A 202 33.57 -11.53 -1.38
C LEU A 202 34.64 -10.45 -1.45
N TRP A 203 35.13 -9.97 -0.31
CA TRP A 203 36.24 -9.02 -0.33
C TRP A 203 37.54 -9.70 -0.74
N GLN A 204 37.69 -10.98 -0.40
CA GLN A 204 38.88 -11.73 -0.80
C GLN A 204 38.99 -11.91 -2.30
N MET A 205 37.87 -11.78 -3.03
CA MET A 205 37.85 -11.95 -4.48
C MET A 205 38.14 -10.66 -5.23
N GLY A 206 38.45 -9.57 -4.53
CA GLY A 206 38.64 -8.29 -5.17
C GLY A 206 37.37 -7.51 -5.39
N TYR A 207 36.21 -8.07 -5.06
CA TYR A 207 34.93 -7.38 -5.20
C TYR A 207 34.64 -6.65 -3.89
N THR A 208 34.62 -5.31 -3.95
CA THR A 208 34.39 -4.50 -2.77
C THR A 208 33.50 -3.31 -3.06
N GLY A 209 32.55 -3.46 -3.98
CA GLY A 209 31.70 -2.36 -4.38
C GLY A 209 32.33 -1.40 -5.35
N ALA A 210 33.44 -1.78 -5.98
CA ALA A 210 34.15 -0.87 -6.87
C ALA A 210 33.30 -0.54 -8.09
N ASN A 211 33.36 0.72 -8.51
CA ASN A 211 32.69 1.20 -9.72
C ASN A 211 31.17 1.03 -9.63
N VAL A 212 30.61 1.10 -8.43
CA VAL A 212 29.17 1.04 -8.22
C VAL A 212 28.76 2.33 -7.49
N ARG A 213 27.83 3.06 -8.08
CA ARG A 213 27.38 4.34 -7.52
C ARG A 213 26.22 4.10 -6.57
N VAL A 214 26.37 4.55 -5.33
CA VAL A 214 25.36 4.43 -4.31
C VAL A 214 24.97 5.83 -3.86
N ALA A 215 23.67 6.11 -3.83
CA ALA A 215 23.15 7.38 -3.35
C ALA A 215 22.42 7.14 -2.04
N VAL A 216 22.61 8.06 -1.09
CA VAL A 216 22.00 7.97 0.23
C VAL A 216 21.07 9.17 0.36
N PHE A 217 19.76 8.91 0.48
CA PHE A 217 18.78 9.98 0.61
C PHE A 217 18.43 10.09 2.09
N ASP A 218 19.07 11.02 2.78
CA ASP A 218 19.04 11.04 4.24
C ASP A 218 19.37 12.45 4.72
N THR A 219 19.76 12.56 5.99
CA THR A 219 19.97 13.85 6.63
C THR A 219 21.35 14.44 6.40
N GLY A 220 22.19 13.80 5.60
CA GLY A 220 23.47 14.37 5.20
C GLY A 220 24.65 13.65 5.83
N LEU A 221 25.84 14.17 5.53
CA LEU A 221 27.08 13.58 5.98
C LEU A 221 28.08 14.69 6.31
N SER A 222 29.03 14.36 7.18
CA SER A 222 30.08 15.29 7.55
C SER A 222 31.12 15.40 6.42
N GLU A 223 31.80 16.54 6.39
CA GLU A 223 32.67 16.86 5.27
C GLU A 223 33.81 15.86 5.14
N LYS A 224 34.52 15.58 6.24
CA LYS A 224 35.71 14.75 6.22
C LYS A 224 35.58 13.61 7.22
N HIS A 225 34.46 12.90 7.17
CA HIS A 225 34.27 11.76 8.04
C HIS A 225 35.35 10.71 7.73
N PRO A 226 36.08 10.21 8.74
CA PRO A 226 37.19 9.29 8.46
C PRO A 226 36.78 7.86 8.14
N HIS A 227 35.49 7.53 8.21
CA HIS A 227 35.03 6.17 7.93
C HIS A 227 34.80 5.92 6.45
N PHE A 228 35.01 6.91 5.59
CA PHE A 228 34.71 6.80 4.17
C PHE A 228 35.88 7.31 3.36
N LYS A 229 36.23 6.58 2.30
CA LYS A 229 37.29 6.98 1.40
C LYS A 229 36.79 7.44 0.04
N ASN A 230 35.53 7.16 -0.30
CA ASN A 230 35.02 7.39 -1.65
C ASN A 230 33.65 8.06 -1.60
N VAL A 231 33.52 9.12 -0.80
CA VAL A 231 32.34 9.98 -0.84
C VAL A 231 32.58 11.04 -1.90
N LYS A 232 31.84 10.95 -3.01
CA LYS A 232 32.13 11.81 -4.15
C LYS A 232 31.50 13.20 -4.00
N GLU A 233 30.24 13.28 -3.57
CA GLU A 233 29.60 14.58 -3.43
C GLU A 233 28.49 14.50 -2.41
N ARG A 234 28.27 15.63 -1.72
CA ARG A 234 27.15 15.81 -0.80
C ARG A 234 26.31 16.96 -1.30
N THR A 235 24.99 16.78 -1.33
CA THR A 235 24.08 17.79 -1.83
C THR A 235 22.96 18.03 -0.83
N ASN A 236 22.58 19.29 -0.66
CA ASN A 236 21.53 19.68 0.26
C ASN A 236 20.33 20.18 -0.54
N TRP A 237 19.20 19.52 -0.35
CA TRP A 237 17.96 19.87 -1.03
C TRP A 237 16.92 20.45 -0.07
N THR A 238 17.27 20.63 1.19
CA THR A 238 16.38 21.27 2.16
C THR A 238 16.64 22.78 2.18
N ASN A 239 15.84 23.47 2.98
CA ASN A 239 15.99 24.92 3.13
C ASN A 239 17.02 25.29 4.20
N GLU A 240 17.56 24.30 4.92
CA GLU A 240 18.60 24.55 5.90
C GLU A 240 19.95 24.64 5.21
N ARG A 241 20.71 25.68 5.54
CA ARG A 241 21.96 25.98 4.84
C ARG A 241 23.12 25.21 5.48
N THR A 242 23.13 23.91 5.23
CA THR A 242 24.22 23.05 5.71
C THR A 242 24.10 21.68 5.07
N LEU A 243 25.22 21.14 4.61
CA LEU A 243 25.26 19.77 4.13
C LEU A 243 25.50 18.77 5.24
N ASP A 244 25.85 19.23 6.44
CA ASP A 244 26.27 18.34 7.50
C ASP A 244 25.06 17.61 8.10
N ASP A 245 25.36 16.62 8.93
CA ASP A 245 24.37 15.76 9.55
C ASP A 245 24.23 16.15 11.02
N GLY A 246 23.16 16.87 11.34
CA GLY A 246 22.93 17.25 12.72
C GLY A 246 22.34 16.15 13.56
N LEU A 247 21.59 15.25 12.95
CA LEU A 247 20.98 14.14 13.68
C LEU A 247 21.87 12.91 13.74
N GLY A 248 22.77 12.74 12.77
CA GLY A 248 23.60 11.57 12.69
C GLY A 248 22.99 10.39 11.96
N HIS A 249 21.87 10.58 11.27
CA HIS A 249 21.20 9.48 10.58
C HIS A 249 21.84 9.18 9.23
N GLY A 250 22.05 10.21 8.41
CA GLY A 250 22.71 10.00 7.13
C GLY A 250 24.09 9.41 7.29
N THR A 251 24.81 9.85 8.33
CA THR A 251 26.15 9.31 8.58
C THR A 251 26.08 7.83 8.89
N PHE A 252 25.13 7.42 9.74
CA PHE A 252 25.00 6.00 10.08
C PHE A 252 24.65 5.19 8.84
N VAL A 253 23.75 5.69 8.01
CA VAL A 253 23.34 4.97 6.80
C VAL A 253 24.52 4.80 5.86
N ALA A 254 25.25 5.89 5.61
CA ALA A 254 26.42 5.81 4.75
C ALA A 254 27.46 4.85 5.32
N GLY A 255 27.63 4.85 6.64
CA GLY A 255 28.59 3.93 7.25
C GLY A 255 28.20 2.48 7.08
N VAL A 256 26.93 2.17 7.32
CA VAL A 256 26.47 0.80 7.13
C VAL A 256 26.71 0.36 5.70
N ILE A 257 26.44 1.25 4.74
CA ILE A 257 26.61 0.86 3.34
C ILE A 257 28.09 0.67 3.01
N ALA A 258 28.94 1.64 3.39
CA ALA A 258 30.29 1.69 2.84
C ALA A 258 31.34 2.10 3.86
N SER A 259 31.18 1.77 5.13
CA SER A 259 32.19 2.11 6.12
C SER A 259 33.40 1.19 5.98
N MET A 260 34.58 1.74 6.26
CA MET A 260 35.82 0.97 6.20
C MET A 260 36.52 0.84 7.53
N ARG A 261 36.16 1.65 8.53
CA ARG A 261 36.93 1.78 9.76
C ARG A 261 36.05 1.51 10.96
N GLU A 262 36.46 0.54 11.78
CA GLU A 262 35.97 0.34 13.14
C GLU A 262 34.56 -0.24 13.18
N CYS A 263 33.84 -0.15 12.05
CA CYS A 263 32.61 -0.89 11.86
C CYS A 263 32.34 -0.85 10.35
N GLN A 264 32.66 -1.94 9.68
CA GLN A 264 32.80 -1.93 8.24
C GLN A 264 31.44 -2.04 7.55
N GLY A 265 31.35 -1.39 6.40
CA GLY A 265 30.21 -1.56 5.53
C GLY A 265 30.49 -2.58 4.45
N PHE A 266 29.42 -2.96 3.74
CA PHE A 266 29.52 -4.03 2.76
C PHE A 266 30.42 -3.66 1.60
N ALA A 267 30.41 -2.40 1.19
CA ALA A 267 31.04 -1.96 -0.05
C ALA A 267 31.98 -0.79 0.24
N PRO A 268 33.16 -1.07 0.81
CA PRO A 268 34.08 0.02 1.12
C PRO A 268 34.50 0.82 -0.10
N ASP A 269 34.53 0.20 -1.28
CA ASP A 269 34.91 0.88 -2.51
C ASP A 269 33.72 1.42 -3.26
N ALA A 270 32.52 1.37 -2.68
CA ALA A 270 31.36 1.99 -3.29
C ALA A 270 31.55 3.50 -3.39
N GLU A 271 31.01 4.08 -4.47
CA GLU A 271 31.03 5.51 -4.69
C GLU A 271 29.81 6.10 -3.98
N LEU A 272 30.05 6.76 -2.85
CA LEU A 272 28.96 7.29 -2.04
C LEU A 272 28.49 8.64 -2.56
N HIS A 273 27.18 8.79 -2.71
CA HIS A 273 26.55 10.05 -3.05
C HIS A 273 25.58 10.41 -1.93
N ILE A 274 25.79 11.57 -1.32
CA ILE A 274 25.05 11.99 -0.13
C ILE A 274 24.03 13.03 -0.55
N PHE A 275 22.75 12.74 -0.34
CA PHE A 275 21.66 13.63 -0.68
C PHE A 275 20.96 14.05 0.61
N ARG A 276 21.17 15.30 1.02
CA ARG A 276 20.54 15.82 2.24
C ARG A 276 19.19 16.39 1.85
N VAL A 277 18.17 15.53 1.88
CA VAL A 277 16.81 15.90 1.54
C VAL A 277 15.92 16.00 2.77
N PHE A 278 16.44 15.67 3.95
CA PHE A 278 15.74 15.86 5.21
C PHE A 278 16.45 16.93 6.03
N THR A 279 15.68 17.60 6.89
CA THR A 279 16.24 18.55 7.84
C THR A 279 16.63 17.81 9.13
N ASN A 280 17.17 18.57 10.10
CA ASN A 280 17.58 17.96 11.36
C ASN A 280 16.44 17.29 12.07
N ASN A 281 15.19 17.66 11.77
CA ASN A 281 14.01 17.09 12.39
C ASN A 281 13.35 16.02 11.53
N GLN A 282 14.00 15.60 10.44
CA GLN A 282 13.44 14.61 9.52
C GLN A 282 12.20 15.16 8.81
N VAL A 283 12.36 16.34 8.22
CA VAL A 283 11.29 17.00 7.47
C VAL A 283 11.77 17.18 6.04
N SER A 284 10.98 16.69 5.09
CA SER A 284 11.34 16.77 3.68
C SER A 284 10.11 17.11 2.86
N TYR A 285 10.26 18.03 1.92
CA TYR A 285 9.21 18.38 0.99
C TYR A 285 9.28 17.49 -0.24
N THR A 286 8.12 17.08 -0.74
CA THR A 286 8.09 16.24 -1.93
C THR A 286 8.77 16.93 -3.11
N SER A 287 8.68 18.26 -3.20
CA SER A 287 9.36 18.96 -4.28
C SER A 287 10.87 18.80 -4.18
N TRP A 288 11.40 18.86 -2.95
CA TRP A 288 12.82 18.57 -2.74
C TRP A 288 13.14 17.16 -3.20
N PHE A 289 12.26 16.20 -2.92
CA PHE A 289 12.47 14.84 -3.40
C PHE A 289 12.48 14.77 -4.91
N LEU A 290 11.60 15.51 -5.58
CA LEU A 290 11.58 15.52 -7.04
C LEU A 290 12.91 16.03 -7.59
N ASP A 291 13.40 17.15 -7.04
CA ASP A 291 14.67 17.69 -7.51
C ASP A 291 15.82 16.72 -7.24
N ALA A 292 15.83 16.11 -6.06
CA ALA A 292 16.90 15.17 -5.72
C ALA A 292 16.86 13.94 -6.62
N PHE A 293 15.67 13.42 -6.93
CA PHE A 293 15.56 12.27 -7.81
C PHE A 293 15.98 12.63 -9.23
N ASN A 294 15.63 13.82 -9.69
CA ASN A 294 16.15 14.28 -10.98
C ASN A 294 17.67 14.26 -10.98
N TYR A 295 18.26 14.78 -9.90
CA TYR A 295 19.72 14.76 -9.77
C TYR A 295 20.26 13.34 -9.79
N ALA A 296 19.61 12.43 -9.08
CA ALA A 296 20.07 11.05 -9.01
C ALA A 296 20.06 10.41 -10.40
N ILE A 297 18.98 10.60 -11.15
CA ILE A 297 18.94 10.08 -12.52
C ILE A 297 20.03 10.73 -13.36
N LEU A 298 20.29 12.02 -13.13
CA LEU A 298 21.35 12.69 -13.87
C LEU A 298 22.71 12.05 -13.61
N LYS A 299 22.98 11.67 -12.36
CA LYS A 299 24.27 11.09 -11.99
C LYS A 299 24.35 9.60 -12.28
N LYS A 300 23.24 8.97 -12.67
CA LYS A 300 23.24 7.56 -13.08
C LYS A 300 23.69 6.65 -11.93
N ILE A 301 23.06 6.83 -10.76
CA ILE A 301 23.40 6.01 -9.62
C ILE A 301 22.84 4.61 -9.82
N ASP A 302 23.60 3.60 -9.37
CA ASP A 302 23.20 2.21 -9.52
C ASP A 302 22.30 1.76 -8.38
N VAL A 303 22.65 2.10 -7.15
CA VAL A 303 21.85 1.77 -5.98
C VAL A 303 21.46 3.09 -5.31
N LEU A 304 20.20 3.18 -4.89
CA LEU A 304 19.69 4.34 -4.17
C LEU A 304 19.04 3.85 -2.89
N ASN A 305 19.56 4.27 -1.75
CA ASN A 305 18.95 3.95 -0.46
C ASN A 305 18.05 5.09 -0.04
N LEU A 306 16.80 4.75 0.28
CA LEU A 306 15.85 5.67 0.89
C LEU A 306 15.38 5.03 2.19
N SER A 307 15.98 5.45 3.29
CA SER A 307 15.71 4.86 4.59
C SER A 307 14.42 5.37 5.23
N ILE A 308 14.00 6.58 4.90
CA ILE A 308 12.78 7.17 5.45
C ILE A 308 11.83 7.45 4.29
N GLY A 309 10.70 6.76 4.30
CA GLY A 309 9.65 6.95 3.31
C GLY A 309 8.48 7.72 3.87
N GLY A 310 7.30 7.43 3.35
CA GLY A 310 6.09 8.08 3.81
C GLY A 310 4.85 7.30 3.48
N PRO A 311 3.75 7.57 4.20
CA PRO A 311 2.50 6.87 3.94
C PRO A 311 1.76 7.36 2.70
N ASP A 312 2.15 8.50 2.14
CA ASP A 312 1.43 9.14 1.05
C ASP A 312 1.89 8.53 -0.28
N PHE A 313 1.24 7.44 -0.66
CA PHE A 313 1.51 6.81 -1.95
C PHE A 313 0.68 7.43 -3.07
N MET A 314 -0.27 8.29 -2.76
CA MET A 314 -1.00 9.06 -3.75
C MET A 314 -0.32 10.37 -4.07
N ASP A 315 0.88 10.58 -3.58
CA ASP A 315 1.71 11.72 -3.97
C ASP A 315 2.20 11.44 -5.39
N HIS A 316 1.31 11.68 -6.35
CA HIS A 316 1.56 11.25 -7.72
C HIS A 316 2.87 11.77 -8.28
N PRO A 317 3.27 13.03 -8.09
CA PRO A 317 4.60 13.44 -8.56
C PRO A 317 5.71 12.56 -8.01
N PHE A 318 5.63 12.19 -6.74
CA PHE A 318 6.67 11.38 -6.12
C PHE A 318 6.70 9.96 -6.70
N VAL A 319 5.54 9.34 -6.85
CA VAL A 319 5.49 7.98 -7.38
C VAL A 319 5.91 7.95 -8.84
N ASP A 320 5.47 8.94 -9.61
CA ASP A 320 5.93 9.03 -11.00
C ASP A 320 7.43 9.19 -11.06
N LYS A 321 8.00 10.00 -10.15
CA LYS A 321 9.44 10.18 -10.11
C LYS A 321 10.15 8.87 -9.76
N VAL A 322 9.59 8.09 -8.85
CA VAL A 322 10.22 6.83 -8.48
C VAL A 322 10.18 5.85 -9.65
N TRP A 323 9.05 5.76 -10.34
CA TRP A 323 8.98 4.91 -11.53
C TRP A 323 9.98 5.36 -12.58
N GLU A 324 10.07 6.68 -12.79
CA GLU A 324 11.05 7.23 -13.70
C GLU A 324 12.47 6.83 -13.28
N LEU A 325 12.73 6.84 -11.98
CA LEU A 325 14.05 6.52 -11.45
C LEU A 325 14.40 5.06 -11.74
N THR A 326 13.51 4.13 -11.37
CA THR A 326 13.79 2.72 -11.60
C THR A 326 13.91 2.42 -13.09
N ALA A 327 13.02 3.01 -13.90
CA ALA A 327 13.07 2.78 -15.33
C ALA A 327 14.44 3.13 -15.91
N ASN A 328 15.15 4.06 -15.26
CA ASN A 328 16.47 4.49 -15.69
C ASN A 328 17.58 3.65 -15.08
N ASN A 329 17.29 2.40 -14.71
CA ASN A 329 18.30 1.44 -14.29
C ASN A 329 18.88 1.79 -12.92
N VAL A 330 18.03 2.30 -12.03
CA VAL A 330 18.41 2.64 -10.66
C VAL A 330 17.80 1.58 -9.76
N ILE A 331 18.65 0.76 -9.14
CA ILE A 331 18.17 -0.21 -8.16
C ILE A 331 17.86 0.56 -6.89
N MET A 332 16.58 0.74 -6.61
CA MET A 332 16.13 1.54 -5.48
C MET A 332 15.84 0.59 -4.33
N VAL A 333 16.63 0.68 -3.27
CA VAL A 333 16.39 -0.01 -2.02
C VAL A 333 15.73 0.98 -1.07
N SER A 334 14.58 0.61 -0.53
CA SER A 334 13.85 1.51 0.34
C SER A 334 13.36 0.77 1.57
N ALA A 335 13.36 1.48 2.69
CA ALA A 335 12.84 0.93 3.93
C ALA A 335 11.32 0.89 3.89
N ILE A 336 10.75 -0.25 4.28
CA ILE A 336 9.29 -0.39 4.28
C ILE A 336 8.62 0.43 5.36
N GLY A 337 9.37 0.99 6.29
CA GLY A 337 8.80 1.82 7.34
C GLY A 337 8.97 1.25 8.72
N ASN A 338 8.97 2.12 9.72
CA ASN A 338 9.16 1.74 11.12
C ASN A 338 7.85 1.81 11.90
N ASP A 339 6.74 1.49 11.24
CA ASP A 339 5.41 1.59 11.83
C ASP A 339 4.82 0.23 12.18
N GLY A 340 5.64 -0.81 12.24
CA GLY A 340 5.18 -2.11 12.65
C GLY A 340 5.00 -2.21 14.14
N PRO A 341 4.50 -3.36 14.60
CA PRO A 341 4.14 -4.56 13.85
C PRO A 341 2.73 -4.52 13.27
N LEU A 342 2.19 -3.32 13.08
CA LEU A 342 0.87 -3.15 12.50
C LEU A 342 0.91 -3.35 11.00
N TYR A 343 -0.02 -4.15 10.47
CA TYR A 343 -0.12 -4.37 9.05
C TYR A 343 -0.75 -3.16 8.37
N GLY A 344 -0.49 -3.04 7.07
CA GLY A 344 -0.93 -1.86 6.35
C GLY A 344 -0.10 -0.64 6.59
N THR A 345 1.12 -0.83 7.08
CA THR A 345 1.99 0.27 7.48
C THR A 345 3.14 0.48 6.49
N LEU A 346 3.05 -0.10 5.30
CA LEU A 346 4.10 0.05 4.32
C LEU A 346 4.27 1.51 3.94
N ASN A 347 5.51 1.89 3.67
CA ASN A 347 5.86 3.25 3.28
C ASN A 347 6.18 3.30 1.80
N ASN A 348 5.72 4.32 1.15
CA ASN A 348 6.13 4.60 -0.20
C ASN A 348 7.54 5.20 -0.18
N PRO A 349 8.40 4.87 -1.16
CA PRO A 349 8.20 4.02 -2.34
C PRO A 349 8.60 2.57 -2.13
N ALA A 350 8.83 2.11 -0.91
CA ALA A 350 9.22 0.72 -0.71
C ALA A 350 8.14 -0.25 -1.15
N ASP A 351 6.90 0.23 -1.33
CA ASP A 351 5.78 -0.61 -1.69
C ASP A 351 5.54 -0.70 -3.19
N GLN A 352 6.43 -0.13 -4.00
CA GLN A 352 6.30 -0.18 -5.45
C GLN A 352 6.91 -1.46 -6.01
N MET A 353 6.36 -1.91 -7.15
CA MET A 353 6.83 -3.12 -7.79
C MET A 353 8.26 -3.01 -8.28
N ASP A 354 8.75 -1.79 -8.52
CA ASP A 354 10.08 -1.56 -9.07
C ASP A 354 11.11 -1.26 -7.99
N VAL A 355 10.73 -1.34 -6.72
CA VAL A 355 11.60 -0.95 -5.61
C VAL A 355 11.79 -2.16 -4.70
N ILE A 356 13.02 -2.37 -4.26
CA ILE A 356 13.31 -3.43 -3.29
C ILE A 356 12.88 -2.92 -1.92
N GLY A 357 11.79 -3.47 -1.41
CA GLY A 357 11.36 -3.17 -0.06
C GLY A 357 12.14 -4.00 0.94
N VAL A 358 12.74 -3.32 1.91
CA VAL A 358 13.62 -3.96 2.88
C VAL A 358 13.00 -3.82 4.26
N GLY A 359 12.62 -4.96 4.85
CA GLY A 359 12.20 -5.01 6.23
C GLY A 359 13.35 -5.34 7.15
N GLY A 360 13.05 -5.30 8.45
CA GLY A 360 14.06 -5.44 9.46
C GLY A 360 13.92 -6.67 10.32
N ILE A 361 15.02 -7.40 10.48
CA ILE A 361 15.14 -8.50 11.43
C ILE A 361 16.23 -8.12 12.43
N ASP A 362 16.17 -8.74 13.60
CA ASP A 362 17.25 -8.63 14.56
C ASP A 362 18.34 -9.65 14.23
N PHE A 363 19.49 -9.50 14.88
CA PHE A 363 20.61 -10.40 14.62
C PHE A 363 20.32 -11.85 14.97
N GLU A 364 19.15 -12.14 15.51
CA GLU A 364 18.69 -13.51 15.73
C GLU A 364 17.79 -14.02 14.62
N ASP A 365 17.65 -13.26 13.53
CA ASP A 365 16.80 -13.63 12.40
C ASP A 365 15.33 -13.67 12.80
N ASN A 366 14.89 -12.65 13.54
CA ASN A 366 13.49 -12.46 13.87
C ASN A 366 13.06 -11.09 13.35
N ILE A 367 11.87 -11.02 12.75
CA ILE A 367 11.41 -9.76 12.19
C ILE A 367 11.29 -8.73 13.31
N ALA A 368 11.92 -7.58 13.10
CA ALA A 368 11.93 -6.54 14.12
C ALA A 368 10.53 -5.98 14.35
N ARG A 369 10.23 -5.65 15.60
CA ARG A 369 8.89 -5.20 15.94
C ARG A 369 8.50 -3.94 15.17
N PHE A 370 9.44 -3.02 15.00
CA PHE A 370 9.14 -1.79 14.27
C PHE A 370 8.86 -2.02 12.80
N SER A 371 9.24 -3.18 12.26
CA SER A 371 9.26 -3.37 10.81
C SER A 371 7.85 -3.41 10.25
N SER A 372 7.60 -2.61 9.21
CA SER A 372 6.28 -2.55 8.59
C SER A 372 5.94 -3.88 7.93
N ARG A 373 4.64 -4.15 7.84
CA ARG A 373 4.16 -5.44 7.34
C ARG A 373 2.93 -5.19 6.47
N GLY A 374 2.38 -6.27 5.94
CA GLY A 374 1.13 -6.24 5.21
C GLY A 374 1.31 -6.05 3.72
N MET A 375 0.23 -6.29 3.00
CA MET A 375 0.21 -6.11 1.56
C MET A 375 0.15 -4.63 1.20
N THR A 376 0.48 -4.31 -0.04
CA THR A 376 0.26 -2.96 -0.53
C THR A 376 -1.23 -2.67 -0.53
N THR A 377 -1.57 -1.38 -0.41
CA THR A 377 -2.96 -0.98 -0.29
C THR A 377 -3.38 -0.03 -1.40
N TRP A 378 -2.58 0.09 -2.47
CA TRP A 378 -2.97 0.93 -3.58
C TRP A 378 -4.23 0.40 -4.25
N GLU A 379 -4.41 -0.91 -4.24
CA GLU A 379 -5.38 -1.62 -5.04
C GLU A 379 -6.74 -1.73 -4.37
N LEU A 380 -6.87 -1.33 -3.12
CA LEU A 380 -8.16 -1.36 -2.46
C LEU A 380 -9.05 -0.26 -3.02
N PRO A 381 -10.37 -0.46 -3.01
CA PRO A 381 -11.11 -1.64 -2.54
C PRO A 381 -11.28 -2.70 -3.61
N GLY A 382 -11.22 -2.32 -4.88
CA GLY A 382 -11.57 -3.25 -5.95
C GLY A 382 -10.59 -4.39 -6.07
N GLY A 383 -9.30 -4.13 -5.83
CA GLY A 383 -8.24 -5.07 -6.09
C GLY A 383 -7.72 -5.75 -4.85
N TYR A 384 -6.53 -6.32 -4.98
CA TYR A 384 -5.79 -6.89 -3.86
C TYR A 384 -4.33 -6.45 -3.94
N GLY A 385 -3.68 -6.46 -2.78
CA GLY A 385 -2.34 -5.92 -2.68
C GLY A 385 -1.24 -6.91 -3.02
N ARG A 386 -0.10 -6.36 -3.40
CA ARG A 386 1.05 -7.16 -3.76
C ARG A 386 1.82 -7.58 -2.51
N MET A 387 2.92 -8.30 -2.71
CA MET A 387 3.68 -8.90 -1.62
C MET A 387 4.87 -8.02 -1.29
N LYS A 388 4.94 -7.57 -0.04
CA LYS A 388 6.02 -6.76 0.49
C LYS A 388 6.26 -7.17 1.93
N PRO A 389 7.48 -6.97 2.46
CA PRO A 389 8.67 -6.43 1.80
C PRO A 389 9.29 -7.41 0.83
N ASP A 390 10.17 -6.97 -0.06
CA ASP A 390 10.83 -7.91 -0.95
C ASP A 390 11.81 -8.80 -0.18
N ILE A 391 12.63 -8.21 0.68
CA ILE A 391 13.53 -8.98 1.55
C ILE A 391 13.63 -8.27 2.89
N VAL A 392 14.18 -8.98 3.88
CA VAL A 392 14.38 -8.44 5.22
C VAL A 392 15.81 -8.74 5.65
N THR A 393 16.50 -7.72 6.15
CA THR A 393 17.87 -7.89 6.63
C THR A 393 18.01 -7.27 8.01
N TYR A 394 19.23 -7.32 8.55
CA TYR A 394 19.46 -6.88 9.91
C TYR A 394 19.20 -5.38 10.07
N GLY A 395 18.33 -5.02 11.01
CA GLY A 395 17.97 -3.63 11.21
C GLY A 395 17.75 -3.24 12.67
N ALA A 396 18.31 -4.00 13.60
CA ALA A 396 18.18 -3.70 15.02
C ALA A 396 19.53 -3.91 15.70
N GLY A 397 20.09 -2.84 16.28
CA GLY A 397 21.36 -2.93 16.94
C GLY A 397 22.55 -2.83 16.01
N VAL A 398 22.32 -2.61 14.71
CA VAL A 398 23.42 -2.57 13.76
C VAL A 398 24.31 -1.37 14.08
N ARG A 399 25.61 -1.63 14.20
CA ARG A 399 26.56 -0.56 14.45
C ARG A 399 26.90 0.15 13.15
N GLY A 400 26.96 1.48 13.22
CA GLY A 400 27.28 2.27 12.04
C GLY A 400 28.03 3.52 12.45
N SER A 401 28.49 4.25 11.45
CA SER A 401 29.36 5.38 11.69
C SER A 401 28.69 6.41 12.58
N GLY A 402 29.47 6.97 13.51
CA GLY A 402 29.01 8.09 14.30
C GLY A 402 29.20 9.40 13.58
N VAL A 403 28.63 10.46 14.14
CA VAL A 403 28.62 11.75 13.46
C VAL A 403 30.04 12.26 13.26
N LYS A 404 30.87 12.16 14.29
CA LYS A 404 32.27 12.55 14.20
C LYS A 404 33.21 11.37 14.04
N GLY A 405 32.81 10.20 14.54
CA GLY A 405 33.66 9.02 14.45
C GLY A 405 33.07 7.91 15.30
N GLY A 406 33.88 6.89 15.55
CA GLY A 406 33.36 5.78 16.30
C GLY A 406 32.14 5.20 15.61
N CYS A 407 31.46 4.32 16.34
CA CYS A 407 30.26 3.70 15.82
C CYS A 407 29.23 3.57 16.93
N ARG A 408 27.96 3.48 16.50
CA ARG A 408 26.83 3.45 17.42
C ARG A 408 25.76 2.57 16.81
N ALA A 409 24.89 2.05 17.66
CA ALA A 409 23.84 1.11 17.26
C ALA A 409 22.54 1.85 17.04
N LEU A 410 21.91 1.61 15.89
CA LEU A 410 20.60 2.14 15.57
C LEU A 410 19.65 1.01 15.23
N SER A 411 18.38 1.36 15.08
CA SER A 411 17.33 0.40 14.77
C SER A 411 16.37 1.02 13.78
N GLY A 412 15.60 0.15 13.13
CA GLY A 412 14.60 0.57 12.18
C GLY A 412 14.82 -0.02 10.81
N THR A 413 13.76 -0.13 10.01
CA THR A 413 13.96 -0.51 8.60
C THR A 413 14.80 0.53 7.88
N SER A 414 14.91 1.73 8.45
CA SER A 414 15.91 2.69 8.01
C SER A 414 17.32 2.21 8.25
N VAL A 415 17.50 1.16 9.04
CA VAL A 415 18.79 0.53 9.24
C VAL A 415 18.93 -0.73 8.39
N ALA A 416 17.86 -1.51 8.26
CA ALA A 416 17.90 -2.68 7.40
C ALA A 416 18.08 -2.29 5.94
N SER A 417 17.45 -1.20 5.52
CA SER A 417 17.56 -0.76 4.13
C SER A 417 19.00 -0.50 3.71
N PRO A 418 19.81 0.26 4.46
CA PRO A 418 21.21 0.42 4.05
C PRO A 418 22.01 -0.86 4.02
N VAL A 419 21.68 -1.84 4.87
CA VAL A 419 22.38 -3.12 4.80
C VAL A 419 22.13 -3.80 3.46
N VAL A 420 20.86 -3.83 3.04
CA VAL A 420 20.54 -4.42 1.74
C VAL A 420 21.15 -3.60 0.62
N ALA A 421 21.18 -2.28 0.76
CA ALA A 421 21.77 -1.43 -0.26
C ALA A 421 23.26 -1.73 -0.41
N GLY A 422 23.98 -1.87 0.70
CA GLY A 422 25.38 -2.22 0.62
C GLY A 422 25.61 -3.61 0.07
N ALA A 423 24.78 -4.56 0.46
CA ALA A 423 24.89 -5.91 -0.10
C ALA A 423 24.64 -5.90 -1.59
N VAL A 424 23.66 -5.12 -2.05
CA VAL A 424 23.36 -5.02 -3.48
C VAL A 424 24.52 -4.34 -4.21
N THR A 425 25.13 -3.34 -3.58
CA THR A 425 26.28 -2.69 -4.19
C THR A 425 27.43 -3.66 -4.37
N LEU A 426 27.72 -4.44 -3.33
CA LEU A 426 28.75 -5.47 -3.42
C LEU A 426 28.41 -6.49 -4.49
N LEU A 427 27.15 -6.93 -4.55
CA LEU A 427 26.74 -7.89 -5.57
C LEU A 427 26.93 -7.32 -6.96
N VAL A 428 26.55 -6.06 -7.17
CA VAL A 428 26.75 -5.44 -8.47
C VAL A 428 28.22 -5.45 -8.83
N SER A 429 29.09 -5.16 -7.86
CA SER A 429 30.52 -5.20 -8.14
C SER A 429 31.00 -6.61 -8.47
N THR A 430 30.35 -7.64 -7.91
CA THR A 430 30.79 -9.01 -8.16
C THR A 430 30.49 -9.46 -9.59
N VAL A 431 29.30 -9.12 -10.10
CA VAL A 431 28.88 -9.63 -11.39
C VAL A 431 29.87 -9.22 -12.47
N GLN A 432 30.13 -10.13 -13.40
CA GLN A 432 31.08 -9.87 -14.48
C GLN A 432 30.43 -9.07 -15.60
N LYS A 433 29.32 -9.57 -16.14
CA LYS A 433 28.59 -8.87 -17.19
C LYS A 433 27.66 -7.85 -16.53
N ARG A 434 28.02 -6.57 -16.63
CA ARG A 434 27.22 -5.55 -15.97
C ARG A 434 25.89 -5.32 -16.66
N GLU A 435 25.81 -5.60 -17.97
CA GLU A 435 24.54 -5.44 -18.67
C GLU A 435 23.46 -6.33 -18.08
N LEU A 436 23.85 -7.50 -17.55
CA LEU A 436 22.89 -8.37 -16.90
C LEU A 436 22.32 -7.78 -15.62
N VAL A 437 22.92 -6.72 -15.10
CA VAL A 437 22.51 -6.13 -13.83
C VAL A 437 21.49 -5.03 -14.13
N ASN A 438 20.23 -5.30 -13.81
CA ASN A 438 19.16 -4.32 -13.90
C ASN A 438 18.34 -4.44 -12.62
N PRO A 439 17.42 -3.51 -12.36
CA PRO A 439 16.61 -3.65 -11.14
C PRO A 439 15.92 -5.00 -11.04
N ALA A 440 15.44 -5.53 -12.15
CA ALA A 440 14.73 -6.81 -12.13
C ALA A 440 15.67 -7.97 -11.86
N SER A 441 16.81 -8.01 -12.55
CA SER A 441 17.75 -9.10 -12.33
C SER A 441 18.33 -9.07 -10.92
N MET A 442 18.65 -7.87 -10.42
CA MET A 442 19.15 -7.77 -9.05
C MET A 442 18.09 -8.20 -8.04
N LYS A 443 16.86 -7.70 -8.20
CA LYS A 443 15.79 -8.11 -7.31
C LYS A 443 15.57 -9.62 -7.38
N GLN A 444 15.72 -10.21 -8.57
CA GLN A 444 15.49 -11.64 -8.73
C GLN A 444 16.61 -12.45 -8.08
N ALA A 445 17.84 -11.98 -8.19
CA ALA A 445 18.95 -12.64 -7.51
C ALA A 445 18.73 -12.63 -6.00
N LEU A 446 18.33 -11.48 -5.46
CA LEU A 446 18.06 -11.38 -4.04
C LEU A 446 16.87 -12.25 -3.65
N ILE A 447 15.89 -12.36 -4.54
CA ILE A 447 14.68 -13.12 -4.26
C ILE A 447 14.97 -14.62 -4.24
N ALA A 448 15.74 -15.10 -5.21
CA ALA A 448 16.04 -16.52 -5.31
C ALA A 448 17.06 -16.95 -4.26
N SER A 449 18.06 -16.12 -3.99
CA SER A 449 19.07 -16.46 -3.01
C SER A 449 18.63 -16.21 -1.58
N ALA A 450 17.49 -15.56 -1.38
CA ALA A 450 17.04 -15.26 -0.02
C ALA A 450 16.80 -16.54 0.76
N ARG A 451 17.13 -16.49 2.05
CA ARG A 451 16.86 -17.61 2.95
C ARG A 451 15.53 -17.37 3.63
N ARG A 452 14.57 -18.26 3.38
CA ARG A 452 13.25 -18.11 3.96
C ARG A 452 13.33 -18.26 5.47
N LEU A 453 12.76 -17.30 6.18
CA LEU A 453 12.68 -17.38 7.63
C LEU A 453 11.57 -18.33 8.03
N PRO A 454 11.84 -19.35 8.84
CA PRO A 454 10.76 -20.22 9.30
C PRO A 454 9.73 -19.44 10.11
N GLY A 455 8.46 -19.77 9.91
CA GLY A 455 7.38 -19.23 10.71
C GLY A 455 6.97 -17.81 10.39
N VAL A 456 7.54 -17.20 9.35
CA VAL A 456 7.26 -15.82 9.00
C VAL A 456 6.53 -15.81 7.65
N ASN A 457 5.38 -15.14 7.61
CA ASN A 457 4.62 -15.08 6.36
C ASN A 457 5.32 -14.16 5.37
N MET A 458 4.98 -14.35 4.10
CA MET A 458 5.67 -13.64 3.03
C MET A 458 5.40 -12.14 3.03
N PHE A 459 4.33 -11.69 3.68
CA PHE A 459 4.04 -10.27 3.76
C PHE A 459 4.78 -9.59 4.90
N GLU A 460 5.46 -10.35 5.76
CA GLU A 460 6.40 -9.82 6.74
C GLU A 460 7.83 -9.87 6.23
N GLN A 461 8.24 -11.01 5.66
CA GLN A 461 9.64 -11.21 5.28
C GLN A 461 9.91 -11.04 3.79
N GLY A 462 8.92 -11.26 2.93
CA GLY A 462 9.16 -11.34 1.51
C GLY A 462 9.55 -12.74 1.12
N HIS A 463 10.67 -12.88 0.43
CA HIS A 463 11.18 -14.20 0.07
C HIS A 463 12.15 -14.77 1.09
N GLY A 464 12.66 -13.96 2.00
CA GLY A 464 13.54 -14.43 3.04
C GLY A 464 14.57 -13.38 3.37
N LYS A 465 15.51 -13.78 4.23
CA LYS A 465 16.59 -12.89 4.62
C LYS A 465 17.68 -12.90 3.56
N LEU A 466 18.30 -11.74 3.38
CA LEU A 466 19.38 -11.60 2.41
C LEU A 466 20.48 -12.64 2.66
N ASP A 467 20.84 -13.36 1.61
CA ASP A 467 21.96 -14.29 1.62
C ASP A 467 22.95 -13.83 0.56
N LEU A 468 24.08 -13.29 1.00
CA LEU A 468 24.98 -12.61 0.08
C LEU A 468 25.74 -13.59 -0.80
N LEU A 469 26.21 -14.70 -0.23
CA LEU A 469 27.00 -15.63 -1.03
C LEU A 469 26.14 -16.39 -2.03
N ARG A 470 24.98 -16.88 -1.59
CA ARG A 470 24.08 -17.52 -2.54
C ARG A 470 23.60 -16.53 -3.59
N ALA A 471 23.41 -15.27 -3.21
CA ALA A 471 23.06 -14.24 -4.19
C ALA A 471 24.18 -14.07 -5.20
N TYR A 472 25.43 -14.11 -4.75
CA TYR A 472 26.56 -14.03 -5.68
C TYR A 472 26.52 -15.19 -6.66
N GLN A 473 26.27 -16.40 -6.15
CA GLN A 473 26.21 -17.57 -7.02
C GLN A 473 25.08 -17.46 -8.03
N ILE A 474 23.91 -17.04 -7.58
CA ILE A 474 22.76 -16.90 -8.48
C ILE A 474 23.04 -15.85 -9.56
N LEU A 475 23.59 -14.70 -9.17
CA LEU A 475 23.97 -13.71 -10.17
C LEU A 475 25.00 -14.27 -11.13
N ASN A 476 25.89 -15.14 -10.63
CA ASN A 476 26.90 -15.75 -11.49
C ASN A 476 26.25 -16.62 -12.55
N SER A 477 25.25 -17.41 -12.16
CA SER A 477 24.57 -18.31 -13.09
C SER A 477 23.38 -17.66 -13.78
N TYR A 478 23.03 -16.43 -13.42
CA TYR A 478 21.82 -15.81 -13.93
C TYR A 478 21.90 -15.52 -15.42
N LYS A 479 20.79 -15.69 -16.11
CA LYS A 479 20.61 -15.25 -17.48
C LYS A 479 19.30 -14.49 -17.59
N PRO A 480 19.19 -13.53 -18.51
CA PRO A 480 17.98 -12.70 -18.56
C PRO A 480 16.73 -13.56 -18.68
N GLN A 481 15.78 -13.31 -17.79
CA GLN A 481 14.57 -14.14 -17.71
C GLN A 481 13.51 -13.37 -16.96
N ALA A 482 12.28 -13.85 -17.07
CA ALA A 482 11.17 -13.36 -16.29
C ALA A 482 10.93 -14.29 -15.10
N SER A 483 10.34 -13.74 -14.05
CA SER A 483 10.03 -14.51 -12.87
C SER A 483 8.87 -13.86 -12.15
N LEU A 484 8.37 -14.54 -11.13
CA LEU A 484 7.13 -14.16 -10.48
C LEU A 484 7.32 -14.12 -8.97
N SER A 485 6.77 -13.08 -8.35
CA SER A 485 6.82 -12.89 -6.91
C SER A 485 5.40 -12.85 -6.36
N PRO A 486 4.92 -13.88 -5.68
CA PRO A 486 5.58 -15.17 -5.41
C PRO A 486 5.73 -16.01 -6.67
N SER A 487 6.79 -16.83 -6.75
CA SER A 487 7.06 -17.64 -7.92
C SER A 487 6.14 -18.86 -8.01
N TYR A 488 5.41 -19.16 -6.95
CA TYR A 488 4.38 -20.19 -6.99
C TYR A 488 3.20 -19.70 -6.18
N ILE A 489 2.02 -20.20 -6.53
CA ILE A 489 0.80 -19.84 -5.82
C ILE A 489 0.32 -21.06 -5.06
N ASP A 490 0.76 -21.20 -3.81
CA ASP A 490 0.42 -22.34 -2.98
C ASP A 490 -0.40 -21.82 -1.80
N LEU A 491 -1.71 -21.82 -1.97
CA LEU A 491 -2.60 -21.37 -0.91
C LEU A 491 -2.63 -22.33 0.27
N THR A 492 -1.78 -23.36 0.27
CA THR A 492 -1.66 -24.30 1.37
C THR A 492 -0.38 -24.10 2.15
N GLU A 493 0.77 -24.16 1.49
CA GLU A 493 2.07 -24.03 2.13
C GLU A 493 2.20 -22.72 2.88
N CYS A 494 2.30 -22.78 4.19
CA CYS A 494 2.47 -21.56 4.96
C CYS A 494 2.93 -21.92 6.37
N PRO A 495 3.13 -20.95 7.28
CA PRO A 495 2.73 -19.53 7.28
C PRO A 495 3.30 -18.66 6.17
N TYR A 496 4.25 -19.13 5.35
CA TYR A 496 4.80 -18.26 4.31
C TYR A 496 3.72 -17.68 3.40
N MET A 497 2.64 -18.42 3.16
CA MET A 497 1.55 -17.95 2.28
C MET A 497 0.32 -17.52 3.07
N TRP A 498 0.50 -16.88 4.22
CA TRP A 498 -0.58 -16.09 4.80
C TRP A 498 -0.74 -14.81 4.00
N PRO A 499 -1.99 -14.32 3.80
CA PRO A 499 -3.28 -14.83 4.27
C PRO A 499 -3.87 -15.86 3.35
N TYR A 500 -3.15 -16.19 2.28
CA TYR A 500 -3.68 -17.09 1.25
C TYR A 500 -3.90 -18.50 1.76
N CYS A 501 -3.37 -18.87 2.93
CA CYS A 501 -3.68 -20.17 3.52
C CYS A 501 -4.62 -20.06 4.71
N SER A 502 -4.97 -18.84 5.12
CA SER A 502 -5.86 -18.68 6.25
C SER A 502 -7.29 -19.11 5.93
N GLN A 503 -7.61 -19.30 4.65
CA GLN A 503 -8.90 -19.87 4.28
C GLN A 503 -8.80 -20.55 2.92
N PRO A 504 -9.51 -21.67 2.73
CA PRO A 504 -9.58 -22.28 1.40
C PRO A 504 -10.67 -21.63 0.56
N ILE A 505 -10.64 -21.92 -0.74
CA ILE A 505 -11.55 -21.33 -1.71
C ILE A 505 -12.65 -22.31 -2.04
N TYR A 506 -13.88 -21.83 -2.07
CA TYR A 506 -15.06 -22.62 -2.41
C TYR A 506 -15.79 -21.96 -3.58
N TYR A 507 -16.86 -22.62 -4.02
CA TYR A 507 -17.73 -22.06 -5.05
C TYR A 507 -18.64 -21.02 -4.42
N GLY A 508 -18.87 -19.94 -5.16
CA GLY A 508 -19.61 -18.81 -4.63
C GLY A 508 -18.77 -17.84 -3.86
N GLY A 509 -17.52 -18.19 -3.55
CA GLY A 509 -16.62 -17.24 -2.93
C GLY A 509 -16.20 -16.16 -3.90
N MET A 510 -15.84 -15.02 -3.33
CA MET A 510 -15.31 -13.95 -4.15
C MET A 510 -14.01 -14.43 -4.79
N PRO A 511 -13.72 -14.06 -6.03
CA PRO A 511 -12.51 -14.55 -6.67
C PRO A 511 -11.29 -14.27 -5.81
N THR A 512 -10.42 -15.26 -5.68
CA THR A 512 -9.18 -15.08 -4.92
C THR A 512 -8.15 -14.45 -5.83
N VAL A 513 -7.79 -13.21 -5.55
CA VAL A 513 -6.84 -12.46 -6.38
C VAL A 513 -5.48 -12.56 -5.77
N VAL A 514 -4.50 -13.01 -6.56
CA VAL A 514 -3.10 -12.94 -6.20
C VAL A 514 -2.46 -11.97 -7.19
N ASN A 515 -2.04 -10.82 -6.68
CA ASN A 515 -1.23 -9.87 -7.42
C ASN A 515 0.20 -10.34 -7.46
N VAL A 516 0.60 -10.97 -8.56
CA VAL A 516 1.93 -11.54 -8.72
C VAL A 516 2.79 -10.48 -9.40
N THR A 517 3.88 -10.09 -8.75
CA THR A 517 4.78 -9.13 -9.36
C THR A 517 5.64 -9.84 -10.40
N ILE A 518 5.51 -9.44 -11.65
CA ILE A 518 6.36 -9.97 -12.71
C ILE A 518 7.65 -9.18 -12.72
N LEU A 519 8.77 -9.86 -12.47
CA LEU A 519 10.09 -9.27 -12.57
C LEU A 519 10.69 -9.74 -13.89
N ASN A 520 10.82 -8.82 -14.83
CA ASN A 520 11.31 -9.13 -16.17
C ASN A 520 12.71 -8.56 -16.30
N GLY A 521 13.71 -9.45 -16.33
CA GLY A 521 15.09 -9.06 -16.47
C GLY A 521 15.58 -8.89 -17.88
N MET A 522 14.70 -8.98 -18.88
CA MET A 522 15.10 -8.88 -20.27
C MET A 522 14.98 -7.46 -20.82
N GLY A 523 14.23 -6.59 -20.17
CA GLY A 523 14.11 -5.23 -20.65
C GLY A 523 13.20 -4.42 -19.75
N VAL A 524 13.40 -3.11 -19.79
CA VAL A 524 12.60 -2.22 -18.94
C VAL A 524 11.13 -2.31 -19.32
N THR A 525 10.83 -2.45 -20.61
CA THR A 525 9.48 -2.70 -21.08
C THR A 525 9.37 -4.14 -21.57
N GLY A 526 8.31 -4.81 -21.14
CA GLY A 526 8.01 -6.14 -21.59
C GLY A 526 6.62 -6.22 -22.17
N ARG A 527 6.13 -7.43 -22.38
CA ARG A 527 4.81 -7.64 -22.94
C ARG A 527 4.39 -9.08 -22.75
N ILE A 528 3.23 -9.32 -22.16
CA ILE A 528 2.72 -10.68 -22.09
C ILE A 528 2.29 -11.11 -23.48
N VAL A 529 2.92 -12.16 -24.00
CA VAL A 529 2.81 -12.48 -25.42
C VAL A 529 1.37 -12.81 -25.79
N ASP A 530 0.75 -13.71 -25.04
CA ASP A 530 -0.62 -14.14 -25.29
C ASP A 530 -1.35 -14.21 -23.96
N LYS A 531 -2.66 -14.37 -24.03
CA LYS A 531 -3.42 -14.65 -22.82
C LYS A 531 -2.72 -15.80 -22.10
N PRO A 532 -2.11 -15.57 -20.93
CA PRO A 532 -1.36 -16.65 -20.26
C PRO A 532 -2.09 -17.98 -20.30
N ASP A 533 -1.36 -19.06 -20.54
CA ASP A 533 -1.96 -20.37 -20.76
C ASP A 533 -2.14 -21.07 -19.42
N TRP A 534 -3.37 -21.13 -18.95
CA TRP A 534 -3.68 -21.83 -17.71
C TRP A 534 -3.82 -23.32 -18.00
N GLN A 535 -2.76 -24.08 -17.72
CA GLN A 535 -2.75 -25.52 -17.99
C GLN A 535 -3.02 -26.26 -16.69
N PRO A 536 -4.24 -26.73 -16.45
CA PRO A 536 -4.50 -27.50 -15.24
C PRO A 536 -3.98 -28.94 -15.36
N TYR A 537 -4.03 -29.64 -14.23
CA TYR A 537 -3.61 -31.03 -14.14
C TYR A 537 -4.86 -31.89 -14.03
N LEU A 538 -5.26 -32.51 -15.13
CA LEU A 538 -6.34 -33.48 -15.06
C LEU A 538 -6.03 -34.64 -14.11
N PRO A 539 -4.82 -35.20 -14.10
CA PRO A 539 -4.59 -36.39 -13.25
C PRO A 539 -4.90 -36.16 -11.78
N GLN A 540 -4.59 -34.99 -11.25
CA GLN A 540 -4.81 -34.66 -9.84
C GLN A 540 -5.86 -33.57 -9.69
N ASN A 541 -6.88 -33.62 -10.54
CA ASN A 541 -8.09 -32.81 -10.36
C ASN A 541 -7.80 -31.31 -10.47
N GLY A 542 -6.91 -30.95 -11.39
CA GLY A 542 -6.56 -29.56 -11.58
C GLY A 542 -7.52 -28.76 -12.42
N ASP A 543 -8.56 -29.38 -12.97
CA ASP A 543 -9.55 -28.70 -13.79
C ASP A 543 -10.71 -28.15 -12.98
N ASN A 544 -10.64 -28.25 -11.64
CA ASN A 544 -11.65 -27.68 -10.78
C ASN A 544 -11.43 -26.20 -10.51
N ILE A 545 -10.43 -25.61 -11.16
CA ILE A 545 -10.07 -24.21 -10.96
C ILE A 545 -10.09 -23.50 -12.30
N GLU A 546 -10.69 -22.32 -12.33
CA GLU A 546 -10.62 -21.45 -13.49
C GLU A 546 -9.87 -20.19 -13.07
N VAL A 547 -8.87 -19.81 -13.86
CA VAL A 547 -7.96 -18.73 -13.54
C VAL A 547 -8.14 -17.65 -14.59
N ALA A 548 -8.67 -16.50 -14.18
CA ALA A 548 -8.71 -15.31 -15.02
C ALA A 548 -7.44 -14.51 -14.79
N PHE A 549 -6.99 -13.84 -15.85
CA PHE A 549 -5.76 -13.08 -15.81
C PHE A 549 -6.05 -11.62 -16.14
N SER A 550 -5.59 -10.72 -15.28
CA SER A 550 -5.47 -9.32 -15.60
C SER A 550 -4.01 -8.93 -15.43
N TYR A 551 -3.54 -7.96 -16.22
CA TYR A 551 -2.11 -7.69 -16.19
C TYR A 551 -1.83 -6.39 -16.93
N SER A 552 -0.58 -5.95 -16.82
CA SER A 552 -0.13 -4.78 -17.55
C SER A 552 -0.21 -5.03 -19.05
N SER A 553 -0.67 -4.01 -19.78
CA SER A 553 -0.53 -4.07 -21.24
C SER A 553 0.95 -4.02 -21.62
N VAL A 554 1.73 -3.21 -20.91
CA VAL A 554 3.18 -3.18 -21.07
C VAL A 554 3.81 -3.33 -19.70
N LEU A 555 4.75 -4.26 -19.58
CA LEU A 555 5.46 -4.50 -18.32
C LEU A 555 6.52 -3.42 -18.15
N TRP A 556 6.27 -2.46 -17.27
CA TRP A 556 7.15 -1.31 -17.10
C TRP A 556 6.94 -0.74 -15.72
N PRO A 557 8.00 -0.21 -15.08
CA PRO A 557 9.41 -0.20 -15.48
C PRO A 557 10.13 -1.43 -14.94
N TRP A 558 10.74 -2.22 -15.81
CA TRP A 558 11.50 -3.41 -15.43
C TRP A 558 10.65 -4.44 -14.72
N SER A 559 9.34 -4.29 -14.70
CA SER A 559 8.47 -5.18 -13.96
C SER A 559 7.03 -4.82 -14.26
N GLY A 560 6.12 -5.56 -13.66
CA GLY A 560 4.71 -5.30 -13.81
C GLY A 560 3.92 -6.17 -12.89
N TYR A 561 2.62 -6.25 -13.13
CA TYR A 561 1.73 -7.05 -12.33
C TYR A 561 1.00 -8.08 -13.18
N LEU A 562 0.63 -9.17 -12.54
CA LEU A 562 -0.22 -10.20 -13.11
C LEU A 562 -1.18 -10.59 -11.97
N ALA A 563 -2.37 -10.02 -12.00
CA ALA A 563 -3.40 -10.41 -11.05
C ALA A 563 -4.06 -11.67 -11.58
N ILE A 564 -3.91 -12.75 -10.84
CA ILE A 564 -4.58 -14.01 -11.16
C ILE A 564 -5.79 -14.11 -10.25
N SER A 565 -6.97 -14.18 -10.84
CA SER A 565 -8.23 -14.35 -10.12
C SER A 565 -8.60 -15.82 -10.22
N ILE A 566 -8.46 -16.55 -9.13
CA ILE A 566 -8.73 -17.97 -9.09
C ILE A 566 -10.14 -18.16 -8.55
N SER A 567 -10.93 -18.98 -9.25
CA SER A 567 -12.28 -19.28 -8.81
C SER A 567 -12.58 -20.76 -9.02
N VAL A 568 -13.22 -21.37 -8.02
CA VAL A 568 -13.70 -22.72 -8.19
C VAL A 568 -14.81 -22.73 -9.24
N THR A 569 -15.09 -23.92 -9.77
CA THR A 569 -16.11 -24.11 -10.78
C THR A 569 -17.41 -24.57 -10.13
N LYS A 570 -18.43 -24.78 -10.95
CA LYS A 570 -19.73 -25.20 -10.42
C LYS A 570 -19.70 -26.67 -9.98
N LYS A 571 -18.99 -27.51 -10.73
CA LYS A 571 -18.90 -28.92 -10.35
C LYS A 571 -18.18 -29.09 -9.02
N ALA A 572 -17.10 -28.34 -8.82
CA ALA A 572 -16.32 -28.44 -7.60
C ALA A 572 -16.99 -27.79 -6.40
N ALA A 573 -18.21 -27.27 -6.55
CA ALA A 573 -18.90 -26.64 -5.44
C ALA A 573 -19.08 -27.57 -4.25
N SER A 574 -18.78 -28.86 -4.40
CA SER A 574 -18.83 -29.80 -3.29
C SER A 574 -17.57 -30.64 -3.19
N TRP A 575 -16.50 -30.25 -3.87
CA TRP A 575 -15.31 -31.07 -4.01
C TRP A 575 -14.17 -30.49 -3.17
N GLU A 576 -13.87 -31.14 -2.05
CA GLU A 576 -12.69 -30.80 -1.28
C GLU A 576 -11.45 -31.35 -1.96
N GLY A 577 -10.37 -30.59 -1.95
CA GLY A 577 -9.10 -31.14 -2.37
C GLY A 577 -8.19 -30.08 -2.94
N ILE A 578 -6.99 -30.54 -3.30
CA ILE A 578 -5.95 -29.69 -3.85
C ILE A 578 -6.09 -29.67 -5.36
N ALA A 579 -6.49 -28.52 -5.90
CA ALA A 579 -6.50 -28.31 -7.34
C ALA A 579 -5.14 -27.79 -7.76
N GLN A 580 -4.51 -28.48 -8.71
CA GLN A 580 -3.15 -28.17 -9.12
C GLN A 580 -3.13 -27.85 -10.60
N GLY A 581 -2.41 -26.80 -10.95
CA GLY A 581 -2.16 -26.50 -12.35
C GLY A 581 -0.93 -25.62 -12.42
N HIS A 582 -0.59 -25.21 -13.63
CA HIS A 582 0.45 -24.21 -13.79
C HIS A 582 0.02 -23.21 -14.85
N VAL A 583 0.32 -21.95 -14.60
CA VAL A 583 0.01 -20.87 -15.52
C VAL A 583 1.29 -20.54 -16.27
N MET A 584 1.28 -20.73 -17.58
CA MET A 584 2.43 -20.47 -18.42
C MET A 584 2.31 -19.04 -18.93
N ILE A 585 3.20 -18.17 -18.49
CA ILE A 585 3.24 -16.79 -18.95
C ILE A 585 4.47 -16.62 -19.82
N THR A 586 4.27 -16.19 -21.05
CA THR A 586 5.37 -15.89 -21.94
C THR A 586 5.54 -14.38 -21.95
N VAL A 587 6.58 -13.90 -21.29
CA VAL A 587 6.92 -12.49 -21.33
C VAL A 587 7.92 -12.27 -22.44
N ALA A 588 7.64 -11.34 -23.33
CA ALA A 588 8.52 -11.01 -24.43
C ALA A 588 9.05 -9.59 -24.24
N SER A 589 10.30 -9.39 -24.60
CA SER A 589 10.95 -8.11 -24.51
C SER A 589 11.72 -7.82 -25.79
N PRO A 590 11.89 -6.55 -26.16
CA PRO A 590 12.65 -6.22 -27.37
C PRO A 590 14.01 -6.91 -27.43
N ALA A 591 14.62 -6.90 -28.61
CA ALA A 591 15.94 -7.49 -28.79
C ALA A 591 17.03 -6.45 -28.54
N GLY A 598 16.69 -9.12 -33.11
CA GLY A 598 15.38 -8.70 -33.58
C GLY A 598 14.25 -9.54 -33.00
N ALA A 599 14.52 -10.82 -32.80
CA ALA A 599 13.52 -11.72 -32.24
C ALA A 599 13.19 -11.32 -30.81
N GLU A 600 11.93 -11.48 -30.44
CA GLU A 600 11.50 -11.16 -29.09
C GLU A 600 12.22 -12.05 -28.08
N GLN A 601 12.57 -11.49 -26.93
CA GLN A 601 13.23 -12.24 -25.86
C GLN A 601 12.15 -12.97 -25.08
N THR A 602 11.75 -14.13 -25.61
CA THR A 602 10.69 -14.93 -25.00
C THR A 602 11.22 -15.62 -23.76
N SER A 603 10.63 -15.30 -22.61
CA SER A 603 10.87 -16.01 -21.37
C SER A 603 9.55 -16.63 -20.96
N THR A 604 9.48 -17.96 -21.03
CA THR A 604 8.29 -18.70 -20.64
C THR A 604 8.45 -19.14 -19.19
N VAL A 605 7.56 -18.67 -18.33
CA VAL A 605 7.65 -18.87 -16.89
C VAL A 605 6.47 -19.71 -16.45
N LYS A 606 6.77 -20.77 -15.71
CA LYS A 606 5.73 -21.56 -15.07
C LYS A 606 5.38 -20.92 -13.73
N LEU A 607 4.09 -20.75 -13.49
CA LEU A 607 3.60 -20.35 -12.17
C LEU A 607 2.80 -21.50 -11.62
N PRO A 608 3.36 -22.33 -10.76
CA PRO A 608 2.55 -23.37 -10.11
C PRO A 608 1.40 -22.73 -9.35
N ILE A 609 0.25 -23.39 -9.40
CA ILE A 609 -0.96 -22.92 -8.72
C ILE A 609 -1.51 -24.15 -8.02
N LYS A 610 -1.23 -24.25 -6.73
CA LYS A 610 -1.67 -25.35 -5.89
C LYS A 610 -2.62 -24.78 -4.85
N VAL A 611 -3.92 -24.85 -5.14
CA VAL A 611 -4.91 -24.19 -4.30
C VAL A 611 -5.72 -25.26 -3.58
N LYS A 612 -6.24 -24.90 -2.41
CA LYS A 612 -7.14 -25.76 -1.65
C LYS A 612 -8.58 -25.37 -1.98
N ILE A 613 -9.46 -26.38 -2.04
CA ILE A 613 -10.85 -26.19 -2.41
C ILE A 613 -11.74 -26.90 -1.39
N ILE A 614 -12.86 -26.28 -1.06
CA ILE A 614 -13.87 -26.89 -0.18
C ILE A 614 -15.26 -26.58 -0.72
N PRO A 615 -16.26 -27.35 -0.27
CA PRO A 615 -17.65 -26.98 -0.54
C PRO A 615 -18.02 -25.65 0.11
N THR A 616 -19.02 -24.99 -0.47
CA THR A 616 -19.37 -23.64 -0.05
C THR A 616 -19.89 -23.66 1.38
N PRO A 617 -19.45 -22.73 2.24
CA PRO A 617 -19.99 -22.65 3.60
C PRO A 617 -21.40 -22.13 3.60
N PRO A 618 -22.12 -22.30 4.71
CA PRO A 618 -23.47 -21.72 4.79
C PRO A 618 -23.43 -20.21 4.68
N ARG A 619 -24.59 -19.56 4.73
CA ARG A 619 -24.62 -18.10 4.64
C ARG A 619 -23.87 -17.48 5.82
N SER A 620 -24.06 -18.03 7.01
CA SER A 620 -23.55 -17.39 8.22
C SER A 620 -22.03 -17.33 8.23
N LYS A 621 -21.37 -18.43 7.86
CA LYS A 621 -19.90 -18.49 7.91
C LYS A 621 -19.26 -17.46 7.01
N ARG A 622 -19.93 -17.01 5.97
CA ARG A 622 -19.36 -16.07 5.01
C ARG A 622 -19.69 -14.66 5.45
N VAL A 623 -18.65 -13.84 5.60
CA VAL A 623 -18.78 -12.47 6.08
C VAL A 623 -18.23 -11.56 4.99
N LEU A 624 -19.04 -10.63 4.54
CA LEU A 624 -18.66 -9.67 3.52
C LEU A 624 -18.15 -8.41 4.23
N TRP A 625 -16.85 -8.20 4.20
CA TRP A 625 -16.24 -7.01 4.76
C TRP A 625 -16.33 -5.89 3.74
N ASP A 626 -16.94 -4.78 4.13
CA ASP A 626 -17.14 -3.65 3.24
C ASP A 626 -15.84 -2.87 3.14
N GLN A 627 -15.14 -3.01 2.02
CA GLN A 627 -13.99 -2.19 1.70
C GLN A 627 -14.33 -1.04 0.76
N TYR A 628 -15.43 -1.16 0.01
CA TYR A 628 -15.76 -0.17 -1.00
C TYR A 628 -16.01 1.20 -0.38
N HIS A 629 -16.73 1.25 0.72
CA HIS A 629 -17.15 2.51 1.32
C HIS A 629 -16.12 3.08 2.28
N ASN A 630 -14.91 2.53 2.29
CA ASN A 630 -13.84 3.08 3.09
C ASN A 630 -13.14 4.20 2.33
N LEU A 631 -12.93 5.32 2.98
CA LEU A 631 -12.08 6.39 2.47
C LEU A 631 -10.96 6.63 3.48
N ARG A 632 -9.79 7.00 2.97
CA ARG A 632 -8.63 7.09 3.84
C ARG A 632 -7.60 8.02 3.22
N TYR A 633 -6.69 8.49 4.07
CA TYR A 633 -5.41 9.00 3.60
C TYR A 633 -4.65 7.84 2.94
N PRO A 634 -3.83 8.10 1.91
CA PRO A 634 -3.23 9.35 1.39
C PRO A 634 -4.09 10.44 0.75
N PRO A 635 -5.10 10.16 -0.06
CA PRO A 635 -5.71 11.23 -0.85
C PRO A 635 -6.18 12.41 -0.01
N GLY A 636 -7.09 12.17 0.92
CA GLY A 636 -7.71 13.26 1.66
C GLY A 636 -7.58 13.13 3.16
N TYR A 637 -7.83 14.21 3.89
CA TYR A 637 -7.65 14.21 5.34
C TYR A 637 -8.87 13.59 5.99
N PHE A 638 -8.73 12.33 6.38
CA PHE A 638 -9.75 11.65 7.16
C PHE A 638 -9.20 11.45 8.56
N PRO A 639 -9.74 12.12 9.57
CA PRO A 639 -9.03 12.21 10.86
C PRO A 639 -8.98 10.88 11.59
N ARG A 640 -8.10 10.86 12.59
CA ARG A 640 -7.94 9.69 13.44
C ARG A 640 -9.26 9.31 14.10
N ASP A 641 -9.51 8.01 14.20
CA ASP A 641 -10.71 7.54 14.86
C ASP A 641 -10.65 7.71 16.38
N ASN A 642 -9.48 8.04 16.91
CA ASN A 642 -9.29 8.29 18.34
C ASN A 642 -8.65 9.67 18.46
N LEU A 643 -9.42 10.64 18.97
CA LEU A 643 -8.94 12.02 18.98
C LEU A 643 -7.78 12.23 19.93
N ARG A 644 -7.59 11.35 20.90
CA ARG A 644 -6.46 11.49 21.83
C ARG A 644 -5.13 11.21 21.15
N MET A 645 -5.13 10.35 20.13
CA MET A 645 -3.88 9.91 19.48
C MET A 645 -3.36 11.03 18.60
N LYS A 646 -2.78 12.05 19.24
CA LYS A 646 -2.20 13.16 18.49
C LYS A 646 -1.05 12.72 17.59
N ASN A 647 -0.40 11.61 17.93
CA ASN A 647 0.75 11.17 17.14
C ASN A 647 0.35 10.78 15.72
N ASP A 648 -0.79 10.11 15.56
CA ASP A 648 -1.26 9.61 14.27
C ASP A 648 -2.60 10.26 13.94
N PRO A 649 -2.59 11.43 13.30
CA PRO A 649 -3.85 12.17 13.07
C PRO A 649 -4.58 11.77 11.80
N LEU A 650 -4.23 10.64 11.20
CA LEU A 650 -4.81 10.22 9.93
C LEU A 650 -5.27 8.77 10.02
N ASP A 651 -6.31 8.44 9.27
CA ASP A 651 -6.75 7.06 9.06
C ASP A 651 -6.15 6.65 7.71
N TRP A 652 -5.05 5.90 7.76
CA TRP A 652 -4.24 5.64 6.57
C TRP A 652 -3.79 4.20 6.41
N ASN A 653 -4.16 3.29 7.30
CA ASN A 653 -3.65 1.92 7.24
C ASN A 653 -4.56 1.00 6.43
N GLY A 654 -5.30 1.54 5.48
CA GLY A 654 -6.09 0.74 4.56
C GLY A 654 -7.44 0.29 5.07
N ASP A 655 -7.51 -0.07 6.35
CA ASP A 655 -8.73 -0.55 6.97
C ASP A 655 -9.22 -1.83 6.33
N HIS A 656 -8.29 -2.62 5.78
CA HIS A 656 -8.62 -3.91 5.21
C HIS A 656 -8.44 -5.01 6.25
N ILE A 657 -9.13 -6.13 6.02
CA ILE A 657 -9.04 -7.28 6.91
C ILE A 657 -7.63 -7.83 7.00
N HIS A 658 -6.73 -7.42 6.11
CA HIS A 658 -5.33 -7.80 6.16
C HIS A 658 -4.42 -6.60 6.42
N THR A 659 -4.99 -5.44 6.80
CA THR A 659 -4.22 -4.23 7.05
C THR A 659 -4.95 -3.45 8.14
N ASN A 660 -4.41 -3.51 9.36
CA ASN A 660 -4.88 -2.82 10.58
C ASN A 660 -6.16 -3.44 11.11
N PHE A 661 -6.76 -4.34 10.33
CA PHE A 661 -7.76 -5.27 10.86
C PHE A 661 -7.26 -6.70 10.76
N ARG A 662 -5.94 -6.86 10.61
CA ARG A 662 -5.34 -8.18 10.50
C ARG A 662 -5.60 -9.00 11.76
N ASP A 663 -5.47 -8.39 12.93
CA ASP A 663 -5.79 -9.10 14.16
C ASP A 663 -7.26 -9.49 14.20
N MET A 664 -8.14 -8.58 13.77
CA MET A 664 -9.56 -8.88 13.72
C MET A 664 -9.87 -9.98 12.71
N TYR A 665 -9.24 -9.93 11.54
CA TYR A 665 -9.46 -10.98 10.54
C TYR A 665 -8.94 -12.33 11.02
N GLN A 666 -7.74 -12.35 11.62
CA GLN A 666 -7.21 -13.59 12.18
C GLN A 666 -8.14 -14.12 13.26
N HIS A 667 -8.68 -13.23 14.08
CA HIS A 667 -9.66 -13.64 15.07
C HIS A 667 -10.88 -14.28 14.41
N LEU A 668 -11.40 -13.65 13.36
CA LEU A 668 -12.58 -14.20 12.69
C LEU A 668 -12.27 -15.56 12.07
N ARG A 669 -11.12 -15.67 11.40
CA ARG A 669 -10.71 -16.96 10.84
C ARG A 669 -10.61 -18.03 11.91
N SER A 670 -10.02 -17.69 13.06
CA SER A 670 -9.99 -18.62 14.17
C SER A 670 -11.38 -18.91 14.70
N MET A 671 -12.35 -18.03 14.45
CA MET A 671 -13.72 -18.23 14.88
C MET A 671 -14.55 -18.96 13.82
N GLY A 672 -13.98 -19.28 12.67
CA GLY A 672 -14.65 -20.03 11.64
C GLY A 672 -15.19 -19.19 10.49
N TYR A 673 -15.33 -17.89 10.68
CA TYR A 673 -15.87 -17.03 9.63
C TYR A 673 -14.90 -16.97 8.46
N PHE A 674 -15.42 -17.18 7.26
CA PHE A 674 -14.68 -16.93 6.03
C PHE A 674 -14.96 -15.49 5.61
N VAL A 675 -13.93 -14.66 5.61
CA VAL A 675 -14.10 -13.22 5.43
C VAL A 675 -13.70 -12.90 3.99
N GLU A 676 -14.69 -12.67 3.14
CA GLU A 676 -14.47 -12.16 1.80
C GLU A 676 -14.66 -10.66 1.82
N VAL A 677 -14.12 -9.99 0.79
CA VAL A 677 -14.07 -8.54 0.74
C VAL A 677 -14.97 -8.06 -0.39
N LEU A 678 -15.85 -7.11 -0.08
CA LEU A 678 -16.65 -6.41 -1.08
C LEU A 678 -15.90 -5.16 -1.51
N GLY A 679 -15.34 -5.19 -2.71
CA GLY A 679 -14.65 -4.04 -3.26
C GLY A 679 -15.48 -3.29 -4.28
N ALA A 680 -16.78 -3.53 -4.29
CA ALA A 680 -17.69 -2.95 -5.26
C ALA A 680 -18.94 -2.48 -4.53
N PRO A 681 -19.74 -1.59 -5.16
CA PRO A 681 -20.96 -1.11 -4.51
C PRO A 681 -21.88 -2.22 -4.05
N PHE A 682 -22.88 -1.88 -3.23
CA PHE A 682 -23.80 -2.90 -2.71
C PHE A 682 -24.44 -3.70 -3.84
N THR A 683 -24.66 -3.06 -5.00
CA THR A 683 -25.35 -3.73 -6.09
C THR A 683 -24.54 -4.86 -6.70
N CYS A 684 -23.27 -4.99 -6.37
CA CYS A 684 -22.34 -5.89 -7.04
C CYS A 684 -21.95 -7.08 -6.17
N PHE A 685 -22.89 -7.64 -5.43
CA PHE A 685 -22.64 -8.86 -4.69
C PHE A 685 -23.95 -9.60 -4.44
N ASP A 686 -23.89 -10.92 -4.53
CA ASP A 686 -25.06 -11.76 -4.32
C ASP A 686 -25.30 -11.86 -2.82
N ALA A 687 -26.27 -11.07 -2.32
CA ALA A 687 -26.52 -11.02 -0.89
C ALA A 687 -26.97 -12.35 -0.33
N SER A 688 -27.43 -13.27 -1.18
CA SER A 688 -27.80 -14.60 -0.73
C SER A 688 -26.58 -15.44 -0.35
N GLN A 689 -25.38 -14.98 -0.70
CA GLN A 689 -24.16 -15.67 -0.30
C GLN A 689 -23.80 -15.41 1.15
N TYR A 690 -24.05 -14.20 1.65
CA TYR A 690 -23.55 -13.75 2.93
C TYR A 690 -24.69 -13.55 3.92
N GLY A 691 -24.42 -13.88 5.18
CA GLY A 691 -25.38 -13.64 6.24
C GLY A 691 -25.21 -12.26 6.85
N THR A 692 -24.02 -11.69 6.72
CA THR A 692 -23.71 -10.41 7.34
C THR A 692 -22.80 -9.58 6.43
N LEU A 693 -23.03 -8.28 6.43
CA LEU A 693 -22.19 -7.30 5.78
C LEU A 693 -21.62 -6.39 6.86
N LEU A 694 -20.29 -6.34 6.95
CA LEU A 694 -19.60 -5.62 8.02
C LEU A 694 -19.03 -4.33 7.44
N MET A 695 -19.61 -3.20 7.85
CA MET A 695 -19.16 -1.88 7.43
C MET A 695 -18.58 -1.16 8.64
N VAL A 696 -17.28 -0.89 8.59
CA VAL A 696 -16.55 -0.37 9.73
C VAL A 696 -15.86 0.92 9.33
N ASP A 697 -16.05 1.97 10.13
CA ASP A 697 -15.46 3.28 9.90
C ASP A 697 -15.63 3.71 8.45
N SER A 698 -16.87 3.63 7.97
CA SER A 698 -17.18 3.96 6.60
C SER A 698 -17.23 5.47 6.43
N GLU A 699 -16.39 6.00 5.56
CA GLU A 699 -16.34 7.43 5.28
C GLU A 699 -17.00 7.79 3.96
N GLU A 700 -17.36 6.80 3.15
CA GLU A 700 -17.88 7.04 1.81
C GLU A 700 -19.37 7.34 1.86
N GLU A 701 -19.85 7.98 0.79
CA GLU A 701 -21.27 8.21 0.60
C GLU A 701 -21.93 6.92 0.12
N TYR A 702 -23.19 7.00 -0.31
CA TYR A 702 -23.90 5.84 -0.82
C TYR A 702 -24.72 6.24 -2.05
N PHE A 703 -24.66 5.42 -3.09
CA PHE A 703 -25.54 5.64 -4.23
C PHE A 703 -26.98 5.42 -3.79
N PRO A 704 -27.94 6.19 -4.31
CA PRO A 704 -29.35 5.86 -4.03
C PRO A 704 -29.70 4.46 -4.48
N GLU A 705 -29.17 4.03 -5.62
CA GLU A 705 -29.34 2.64 -6.04
C GLU A 705 -28.69 1.69 -5.05
N GLU A 706 -27.53 2.08 -4.51
CA GLU A 706 -26.89 1.28 -3.47
C GLU A 706 -27.79 1.13 -2.26
N ILE A 707 -28.41 2.23 -1.83
CA ILE A 707 -29.28 2.18 -0.66
C ILE A 707 -30.48 1.30 -0.93
N ALA A 708 -31.10 1.45 -2.10
CA ALA A 708 -32.26 0.63 -2.42
C ALA A 708 -31.90 -0.85 -2.50
N LYS A 709 -30.78 -1.17 -3.16
CA LYS A 709 -30.35 -2.55 -3.25
C LYS A 709 -30.04 -3.12 -1.87
N LEU A 710 -29.39 -2.33 -1.01
CA LEU A 710 -29.09 -2.78 0.34
C LEU A 710 -30.35 -3.00 1.15
N ARG A 711 -31.36 -2.14 0.96
CA ARG A 711 -32.63 -2.35 1.64
C ARG A 711 -33.29 -3.65 1.18
N ARG A 712 -33.27 -3.91 -0.13
CA ARG A 712 -33.78 -5.18 -0.63
C ARG A 712 -33.01 -6.35 -0.06
N ASP A 713 -31.69 -6.22 0.02
CA ASP A 713 -30.86 -7.27 0.59
C ASP A 713 -31.23 -7.53 2.05
N VAL A 714 -31.41 -6.46 2.82
CA VAL A 714 -31.73 -6.59 4.24
C VAL A 714 -33.10 -7.24 4.39
N ASP A 715 -34.06 -6.88 3.55
CA ASP A 715 -35.36 -7.54 3.58
C ASP A 715 -35.26 -9.00 3.19
N ASN A 716 -34.36 -9.33 2.28
CA ASN A 716 -34.18 -10.72 1.85
C ASN A 716 -33.42 -11.56 2.88
N GLY A 717 -32.61 -10.94 3.73
CA GLY A 717 -31.89 -11.67 4.75
C GLY A 717 -30.49 -11.21 5.02
N LEU A 718 -30.00 -10.24 4.24
CA LEU A 718 -28.67 -9.70 4.50
C LEU A 718 -28.65 -8.91 5.80
N SER A 719 -27.57 -9.05 6.56
CA SER A 719 -27.41 -8.36 7.83
C SER A 719 -26.32 -7.30 7.71
N LEU A 720 -26.39 -6.33 8.61
CA LEU A 720 -25.53 -5.16 8.60
C LEU A 720 -24.95 -4.95 9.99
N VAL A 721 -23.63 -4.82 10.05
CA VAL A 721 -22.92 -4.47 11.27
C VAL A 721 -22.15 -3.20 10.97
N ILE A 722 -22.67 -2.07 11.43
CA ILE A 722 -22.09 -0.76 11.12
C ILE A 722 -21.35 -0.24 12.34
N PHE A 723 -20.04 -0.44 12.36
CA PHE A 723 -19.18 0.11 13.39
C PHE A 723 -18.86 1.54 12.98
N SER A 724 -19.57 2.49 13.57
CA SER A 724 -19.45 3.89 13.19
C SER A 724 -18.25 4.51 13.92
N ASP A 725 -18.14 5.83 13.84
CA ASP A 725 -17.04 6.53 14.49
C ASP A 725 -17.48 7.98 14.69
N TRP A 726 -16.67 8.75 15.40
CA TRP A 726 -17.11 10.08 15.82
C TRP A 726 -17.40 10.97 14.62
N TYR A 727 -18.37 11.88 14.80
CA TYR A 727 -18.61 12.96 13.85
C TYR A 727 -19.11 14.17 14.61
N ASN A 728 -18.55 15.34 14.28
CA ASN A 728 -18.98 16.59 14.88
C ASN A 728 -18.38 17.77 14.11
N THR A 729 -19.23 18.68 13.65
CA THR A 729 -18.74 19.82 12.87
C THR A 729 -17.79 20.69 13.69
N SER A 730 -18.12 20.91 14.96
CA SER A 730 -17.27 21.77 15.80
C SER A 730 -15.96 21.09 16.16
N VAL A 731 -16.01 19.81 16.56
CA VAL A 731 -14.79 19.08 16.81
C VAL A 731 -13.97 18.97 15.54
N MET A 732 -14.63 18.68 14.42
CA MET A 732 -13.95 18.63 13.14
C MET A 732 -13.21 19.94 12.86
N ARG A 733 -13.86 21.07 13.14
CA ARG A 733 -13.23 22.37 12.91
C ARG A 733 -12.05 22.58 13.84
N LYS A 734 -12.18 22.16 15.10
CA LYS A 734 -11.10 22.32 16.06
C LYS A 734 -9.95 21.34 15.82
N VAL A 735 -10.23 20.19 15.18
CA VAL A 735 -9.20 19.19 14.92
C VAL A 735 -8.47 19.43 13.61
N LYS A 736 -8.78 20.51 12.90
CA LYS A 736 -7.99 20.90 11.74
C LYS A 736 -6.54 21.03 12.15
N PHE A 737 -5.63 20.55 11.29
CA PHE A 737 -4.21 20.58 11.63
C PHE A 737 -3.42 21.11 10.45
N TYR A 738 -2.23 21.63 10.74
CA TYR A 738 -1.34 22.13 9.71
C TYR A 738 -0.49 20.97 9.21
N ASP A 739 -0.69 20.58 7.95
CA ASP A 739 0.15 19.59 7.30
C ASP A 739 1.39 20.28 6.76
N GLU A 740 2.55 19.90 7.27
CA GLU A 740 3.82 20.48 6.83
C GLU A 740 4.24 19.97 5.47
N ASN A 741 3.93 18.70 5.16
CA ASN A 741 4.27 18.16 3.84
C ASN A 741 3.69 19.02 2.74
N THR A 742 2.47 19.53 2.94
CA THR A 742 1.82 20.41 1.98
C THR A 742 1.85 21.87 2.39
N ARG A 743 2.30 22.17 3.62
CA ARG A 743 2.28 23.53 4.14
C ARG A 743 0.87 24.13 4.02
N GLN A 744 -0.12 23.40 4.53
CA GLN A 744 -1.51 23.76 4.32
C GLN A 744 -2.33 23.39 5.55
N TRP A 745 -3.33 24.21 5.85
CA TRP A 745 -4.22 23.97 6.98
C TRP A 745 -5.34 23.04 6.52
N TRP A 746 -5.26 21.77 6.92
CA TRP A 746 -6.23 20.76 6.51
C TRP A 746 -7.37 20.70 7.52
N MET A 747 -8.60 20.79 7.00
CA MET A 747 -9.83 20.49 7.71
C MET A 747 -10.25 19.07 7.39
N PRO A 748 -10.87 18.34 8.32
CA PRO A 748 -11.39 17.01 7.98
C PRO A 748 -12.39 17.10 6.84
N ASP A 749 -12.28 16.14 5.92
CA ASP A 749 -13.28 16.01 4.86
C ASP A 749 -14.57 15.40 5.39
N THR A 750 -14.44 14.49 6.35
CA THR A 750 -15.54 14.06 7.18
C THR A 750 -14.99 13.85 8.59
N GLY A 751 -15.84 13.45 9.51
CA GLY A 751 -15.41 13.24 10.88
C GLY A 751 -14.65 11.94 10.99
N GLY A 752 -14.82 11.24 12.11
CA GLY A 752 -14.30 9.89 12.19
C GLY A 752 -14.96 8.97 11.18
N ALA A 753 -16.28 9.08 11.06
CA ALA A 753 -17.05 8.42 10.03
C ALA A 753 -18.02 9.42 9.43
N ASN A 754 -18.43 9.15 8.18
CA ASN A 754 -19.34 10.04 7.46
C ASN A 754 -20.74 9.86 8.04
N ILE A 755 -20.95 10.42 9.23
CA ILE A 755 -22.21 10.22 9.93
C ILE A 755 -23.40 10.74 9.14
N PRO A 756 -23.33 11.90 8.48
CA PRO A 756 -24.45 12.28 7.61
C PRO A 756 -24.74 11.25 6.52
N ALA A 757 -23.73 10.67 5.89
CA ALA A 757 -23.97 9.67 4.85
C ALA A 757 -24.54 8.38 5.44
N LEU A 758 -23.99 7.95 6.57
CA LEU A 758 -24.55 6.78 7.25
C LEU A 758 -25.98 7.03 7.68
N ASN A 759 -26.31 8.26 8.06
CA ASN A 759 -27.69 8.59 8.42
C ASN A 759 -28.59 8.60 7.18
N GLU A 760 -28.07 9.06 6.05
CA GLU A 760 -28.81 8.94 4.80
C GLU A 760 -29.13 7.47 4.50
N LEU A 761 -28.14 6.60 4.68
CA LEU A 761 -28.36 5.18 4.46
C LEU A 761 -29.34 4.60 5.46
N LEU A 762 -29.26 5.03 6.72
CA LEU A 762 -30.04 4.43 7.80
C LEU A 762 -31.44 5.02 7.92
N SER A 763 -31.72 6.16 7.28
CA SER A 763 -33.03 6.77 7.39
C SER A 763 -34.12 5.85 6.89
N VAL A 764 -33.80 4.97 5.94
CA VAL A 764 -34.80 4.05 5.42
C VAL A 764 -35.26 3.08 6.50
N TRP A 765 -34.50 2.96 7.58
CA TRP A 765 -34.87 2.14 8.73
C TRP A 765 -35.16 2.96 9.97
N ASN A 766 -35.26 4.28 9.84
CA ASN A 766 -35.61 5.23 10.90
C ASN A 766 -34.47 5.49 11.88
N MET A 767 -33.28 4.94 11.62
CA MET A 767 -32.17 5.07 12.56
C MET A 767 -31.32 6.28 12.22
N GLY A 768 -30.47 6.65 13.17
CA GLY A 768 -29.59 7.78 12.98
C GLY A 768 -28.45 7.75 13.96
N PHE A 769 -27.50 8.65 13.74
CA PHE A 769 -26.36 8.84 14.62
C PHE A 769 -26.28 10.30 15.03
N SER A 770 -25.76 10.54 16.23
CA SER A 770 -25.65 11.89 16.77
C SER A 770 -24.32 12.50 16.32
N ASP A 771 -24.00 13.67 16.87
CA ASP A 771 -22.75 14.35 16.58
C ASP A 771 -21.91 14.62 17.82
N GLY A 772 -22.34 14.17 18.99
CA GLY A 772 -21.60 14.45 20.21
C GLY A 772 -20.42 13.52 20.36
N LEU A 773 -19.26 14.08 20.72
CA LEU A 773 -18.08 13.30 20.99
C LEU A 773 -18.16 12.70 22.40
N TYR A 774 -17.91 11.40 22.49
CA TYR A 774 -17.95 10.71 23.76
C TYR A 774 -16.74 9.78 23.85
N GLU A 775 -16.31 9.51 25.08
CA GLU A 775 -15.05 8.81 25.25
C GLU A 775 -14.94 8.33 26.69
N GLY A 776 -14.21 7.24 26.89
CA GLY A 776 -13.92 6.77 28.22
C GLY A 776 -13.93 5.26 28.35
N GLU A 777 -13.34 4.76 29.43
CA GLU A 777 -13.38 3.34 29.75
C GLU A 777 -14.78 2.96 30.22
N PHE A 778 -15.19 1.74 29.89
CA PHE A 778 -16.46 1.21 30.33
C PHE A 778 -16.38 -0.31 30.24
N THR A 779 -17.48 -0.99 30.56
CA THR A 779 -17.52 -2.44 30.57
C THR A 779 -18.82 -2.92 29.91
N LEU A 780 -18.76 -4.12 29.36
CA LEU A 780 -19.92 -4.74 28.71
C LEU A 780 -19.87 -6.24 28.96
N ALA A 781 -20.84 -6.75 29.70
CA ALA A 781 -20.92 -8.18 30.01
C ALA A 781 -19.61 -8.70 30.58
N ASN A 782 -19.14 -8.03 31.63
CA ASN A 782 -17.94 -8.40 32.38
C ASN A 782 -16.67 -8.26 31.57
N HIS A 783 -16.71 -7.56 30.44
CA HIS A 783 -15.55 -7.34 29.59
C HIS A 783 -15.22 -5.86 29.57
N ASP A 784 -13.94 -5.54 29.71
CA ASP A 784 -13.52 -4.15 29.62
C ASP A 784 -13.66 -3.64 28.20
N MET A 785 -13.68 -2.32 28.06
CA MET A 785 -13.89 -1.67 26.77
C MET A 785 -13.19 -0.32 26.79
N TYR A 786 -13.22 0.36 25.66
CA TYR A 786 -12.72 1.72 25.60
C TYR A 786 -13.36 2.42 24.41
N TYR A 787 -14.10 3.50 24.69
CA TYR A 787 -14.75 4.28 23.64
C TYR A 787 -13.75 5.35 23.22
N ALA A 788 -12.98 5.08 22.16
CA ALA A 788 -11.87 5.96 21.80
C ALA A 788 -12.36 7.35 21.47
N SER A 789 -13.15 7.47 20.40
CA SER A 789 -13.76 8.75 20.03
C SER A 789 -14.89 8.42 19.07
N GLY A 790 -16.12 8.38 19.59
CA GLY A 790 -17.27 8.00 18.80
C GLY A 790 -18.42 8.97 19.00
N CYS A 791 -19.46 8.75 18.21
CA CYS A 791 -20.71 9.46 18.31
C CYS A 791 -21.73 8.61 19.04
N SER A 792 -22.97 9.08 19.13
CA SER A 792 -24.05 8.36 19.76
C SER A 792 -25.15 8.07 18.73
N ILE A 793 -26.18 7.36 19.17
CA ILE A 793 -27.33 7.04 18.34
C ILE A 793 -28.39 8.09 18.61
N ALA A 794 -28.45 9.11 17.76
CA ALA A 794 -29.46 10.15 17.92
C ALA A 794 -30.86 9.58 17.72
N LYS A 795 -31.04 8.74 16.72
CA LYS A 795 -32.35 8.22 16.36
C LYS A 795 -32.27 6.70 16.21
N PHE A 796 -33.16 5.99 16.89
CA PHE A 796 -33.25 4.55 16.78
C PHE A 796 -34.71 4.17 16.96
N PRO A 797 -35.21 3.20 16.19
CA PRO A 797 -36.60 2.78 16.37
C PRO A 797 -36.83 2.20 17.75
N GLU A 798 -38.12 2.14 18.13
CA GLU A 798 -38.51 1.79 19.49
C GLU A 798 -38.15 0.35 19.84
N ASP A 799 -38.20 -0.57 18.88
CA ASP A 799 -38.01 -1.99 19.16
C ASP A 799 -36.55 -2.41 19.17
N GLY A 800 -35.62 -1.46 19.33
CA GLY A 800 -34.22 -1.80 19.37
C GLY A 800 -33.78 -2.27 20.75
N VAL A 801 -32.86 -3.24 20.76
CA VAL A 801 -32.25 -3.72 22.00
C VAL A 801 -31.01 -2.86 22.20
N VAL A 802 -31.20 -1.71 22.83
CA VAL A 802 -30.15 -0.71 22.98
C VAL A 802 -29.42 -0.94 24.30
N ILE A 803 -28.18 -0.48 24.35
CA ILE A 803 -27.39 -0.43 25.57
C ILE A 803 -26.72 0.93 25.63
N THR A 804 -26.70 1.52 26.82
CA THR A 804 -26.14 2.85 27.00
C THR A 804 -25.36 2.87 28.31
N GLN A 805 -24.35 3.73 28.36
CA GLN A 805 -23.55 3.92 29.56
C GLN A 805 -23.13 5.38 29.64
N THR A 806 -22.33 5.69 30.66
CA THR A 806 -21.83 7.04 30.89
C THR A 806 -20.41 7.16 30.36
N PHE A 807 -20.12 8.29 29.74
CA PHE A 807 -18.82 8.56 29.15
C PHE A 807 -18.46 10.00 29.45
N LYS A 808 -17.44 10.52 28.78
CA LYS A 808 -17.00 11.89 28.93
C LYS A 808 -17.32 12.67 27.66
N ASP A 809 -17.78 13.91 27.84
CA ASP A 809 -18.11 14.77 26.70
C ASP A 809 -16.80 15.29 26.11
N GLN A 810 -16.18 14.45 25.28
CA GLN A 810 -14.90 14.81 24.68
C GLN A 810 -15.01 15.99 23.73
N GLY A 811 -16.21 16.27 23.22
CA GLY A 811 -16.38 17.44 22.37
C GLY A 811 -16.14 18.74 23.12
N LEU A 812 -16.66 18.82 24.34
CA LEU A 812 -16.39 19.99 25.18
C LEU A 812 -14.91 20.10 25.49
N GLU A 813 -14.24 18.97 25.73
CA GLU A 813 -12.80 19.00 25.95
C GLU A 813 -12.07 19.56 24.72
N VAL A 814 -12.48 19.11 23.54
CA VAL A 814 -11.82 19.56 22.31
C VAL A 814 -12.04 21.05 22.11
N LEU A 815 -13.27 21.53 22.34
CA LEU A 815 -13.58 22.92 22.03
C LEU A 815 -13.09 23.87 23.13
N LYS A 816 -13.64 23.74 24.34
CA LYS A 816 -13.38 24.69 25.42
C LYS A 816 -12.56 24.08 26.55
N GLN A 817 -11.90 22.95 26.31
CA GLN A 817 -10.96 22.35 27.24
C GLN A 817 -11.58 22.08 28.61
N GLU A 818 -12.91 22.04 28.69
CA GLU A 818 -13.59 21.77 29.94
C GLU A 818 -13.83 20.27 30.08
N THR A 819 -14.45 19.88 31.18
CA THR A 819 -14.76 18.49 31.46
C THR A 819 -16.25 18.33 31.73
N ALA A 820 -16.79 17.19 31.34
CA ALA A 820 -18.20 16.90 31.56
C ALA A 820 -18.50 15.42 31.34
N VAL A 821 -19.16 14.79 32.31
CA VAL A 821 -19.59 13.41 32.19
C VAL A 821 -21.03 13.41 31.72
N VAL A 822 -21.32 12.60 30.71
CA VAL A 822 -22.64 12.55 30.08
C VAL A 822 -23.34 11.28 30.56
N GLU A 823 -24.58 11.44 31.02
CA GLU A 823 -25.36 10.33 31.54
C GLU A 823 -26.17 9.69 30.43
N ASN A 824 -26.07 8.37 30.32
CA ASN A 824 -26.89 7.59 29.39
C ASN A 824 -26.71 8.08 27.95
N VAL A 825 -25.50 7.87 27.45
CA VAL A 825 -25.18 8.12 26.04
C VAL A 825 -25.34 6.80 25.29
N PRO A 826 -26.33 6.67 24.40
CA PRO A 826 -26.44 5.42 23.61
C PRO A 826 -25.33 5.33 22.58
N ILE A 827 -24.60 4.22 22.62
CA ILE A 827 -23.40 4.03 21.79
C ILE A 827 -23.60 2.84 20.88
N LEU A 828 -24.47 1.92 21.29
CA LEU A 828 -24.71 0.67 20.57
C LEU A 828 -26.22 0.46 20.47
N GLY A 829 -26.65 -0.03 19.31
CA GLY A 829 -28.04 -0.35 19.08
C GLY A 829 -28.24 -1.55 18.19
N LEU A 830 -29.22 -2.40 18.51
CA LEU A 830 -29.56 -3.57 17.71
C LEU A 830 -30.98 -3.41 17.18
N TYR A 831 -31.22 -3.85 15.95
CA TYR A 831 -32.56 -3.77 15.37
C TYR A 831 -32.75 -4.86 14.34
N GLN A 832 -33.74 -5.72 14.57
CA GLN A 832 -34.17 -6.69 13.57
C GLN A 832 -35.27 -6.08 12.73
N ILE A 833 -35.12 -6.14 11.42
CA ILE A 833 -36.16 -5.61 10.52
C ILE A 833 -37.44 -6.42 10.73
N PRO A 834 -38.60 -5.78 10.89
CA PRO A 834 -39.83 -6.55 11.12
C PRO A 834 -40.22 -7.44 9.94
N ALA A 835 -39.82 -7.06 8.72
CA ALA A 835 -40.20 -7.85 7.54
C ALA A 835 -39.73 -9.29 7.68
N GLU A 836 -40.62 -10.23 7.38
CA GLU A 836 -40.26 -11.64 7.47
C GLU A 836 -39.06 -11.95 6.60
N GLY A 837 -38.15 -12.76 7.12
CA GLY A 837 -36.90 -13.01 6.42
C GLY A 837 -36.05 -11.79 6.27
N GLY A 838 -36.28 -10.76 7.09
CA GLY A 838 -35.51 -9.55 7.00
C GLY A 838 -34.13 -9.68 7.61
N GLY A 839 -33.34 -8.64 7.40
CA GLY A 839 -31.99 -8.58 7.93
C GLY A 839 -31.95 -8.05 9.35
N ARG A 840 -30.73 -7.71 9.77
CA ARG A 840 -30.47 -7.14 11.08
C ARG A 840 -29.58 -5.93 10.87
N ILE A 841 -29.59 -5.00 11.82
CA ILE A 841 -28.73 -3.83 11.75
C ILE A 841 -28.21 -3.55 13.15
N VAL A 842 -26.89 -3.61 13.29
CA VAL A 842 -26.21 -3.23 14.52
C VAL A 842 -25.51 -1.91 14.27
N LEU A 843 -25.69 -0.95 15.17
CA LEU A 843 -25.06 0.36 15.10
C LEU A 843 -24.10 0.49 16.27
N TYR A 844 -22.84 0.83 15.98
CA TYR A 844 -21.89 1.11 17.04
C TYR A 844 -21.11 2.36 16.69
N GLY A 845 -20.76 3.14 17.70
CA GLY A 845 -20.29 4.48 17.50
C GLY A 845 -18.80 4.68 17.32
N ASP A 846 -17.97 3.71 17.65
CA ASP A 846 -16.53 3.84 17.49
C ASP A 846 -15.96 2.62 16.78
N SER A 847 -14.90 2.85 16.02
CA SER A 847 -14.26 1.81 15.22
C SER A 847 -12.89 1.40 15.75
N ASN A 848 -12.40 2.02 16.82
CA ASN A 848 -11.05 1.77 17.28
C ASN A 848 -10.91 0.48 18.06
N CYS A 849 -12.00 -0.04 18.62
CA CYS A 849 -11.93 -1.29 19.37
C CYS A 849 -11.67 -2.49 18.48
N LEU A 850 -11.79 -2.34 17.17
CA LEU A 850 -11.41 -3.36 16.19
C LEU A 850 -10.13 -3.04 15.45
N ASP A 851 -9.91 -1.76 15.12
CA ASP A 851 -8.67 -1.34 14.51
C ASP A 851 -7.50 -1.77 15.37
N ASP A 852 -6.32 -1.84 14.76
CA ASP A 852 -5.10 -2.24 15.45
C ASP A 852 -4.11 -1.10 15.61
N SER A 853 -4.46 0.11 15.16
CA SER A 853 -3.47 1.18 15.08
C SER A 853 -2.87 1.48 16.44
N HIS A 854 -3.69 1.92 17.39
CA HIS A 854 -3.23 2.28 18.73
C HIS A 854 -4.18 1.70 19.76
N ARG A 855 -4.48 0.42 19.64
CA ARG A 855 -5.49 -0.18 20.50
C ARG A 855 -5.18 0.03 21.98
N GLN A 856 -6.22 0.34 22.74
CA GLN A 856 -6.17 0.32 24.19
C GLN A 856 -6.83 -0.92 24.76
N LYS A 857 -8.09 -1.16 24.39
CA LYS A 857 -8.82 -2.34 24.79
C LYS A 857 -9.22 -3.14 23.56
N ASP A 858 -10.02 -4.17 23.78
CA ASP A 858 -10.41 -5.10 22.73
C ASP A 858 -11.92 -5.28 22.75
N CYS A 859 -12.54 -5.21 21.57
CA CYS A 859 -13.95 -5.58 21.41
C CYS A 859 -14.11 -6.72 20.41
N PHE A 860 -13.03 -7.45 20.12
CA PHE A 860 -13.14 -8.63 19.27
C PHE A 860 -14.19 -9.57 19.81
N TRP A 861 -14.30 -9.68 21.13
CA TRP A 861 -15.40 -10.44 21.72
C TRP A 861 -16.75 -9.86 21.29
N LEU A 862 -16.86 -8.53 21.31
CA LEU A 862 -18.12 -7.89 20.95
C LEU A 862 -18.40 -8.01 19.46
N LEU A 863 -17.39 -7.89 18.61
CA LEU A 863 -17.62 -8.12 17.19
C LEU A 863 -17.99 -9.55 16.90
N ASP A 864 -17.41 -10.51 17.63
CA ASP A 864 -17.83 -11.90 17.48
C ASP A 864 -19.30 -12.05 17.86
N ALA A 865 -19.70 -11.43 18.97
CA ALA A 865 -21.10 -11.52 19.40
C ALA A 865 -22.02 -10.85 18.39
N LEU A 866 -21.60 -9.73 17.82
CA LEU A 866 -22.43 -9.00 16.87
C LEU A 866 -22.55 -9.75 15.55
N LEU A 867 -21.47 -10.41 15.11
CA LEU A 867 -21.56 -11.26 13.93
C LEU A 867 -22.45 -12.47 14.20
N GLN A 868 -22.38 -13.02 15.41
CA GLN A 868 -23.31 -14.07 15.78
C GLN A 868 -24.75 -13.59 15.69
N TYR A 869 -25.01 -12.36 16.15
CA TYR A 869 -26.35 -11.80 16.07
C TYR A 869 -26.79 -11.61 14.62
N THR A 870 -25.92 -11.04 13.79
CA THR A 870 -26.28 -10.73 12.42
C THR A 870 -26.30 -11.95 11.51
N SER A 871 -25.73 -13.08 11.94
CA SER A 871 -25.68 -14.26 11.10
C SER A 871 -26.45 -15.45 11.63
N TYR A 872 -26.98 -15.39 12.85
CA TYR A 872 -27.72 -16.52 13.39
C TYR A 872 -29.03 -16.16 14.08
N GLY A 873 -29.27 -14.89 14.40
CA GLY A 873 -30.55 -14.48 14.96
C GLY A 873 -30.63 -14.61 16.48
N VAL A 874 -29.94 -15.60 17.05
CA VAL A 874 -29.95 -15.77 18.49
C VAL A 874 -29.49 -14.48 19.15
N THR A 875 -30.29 -13.97 20.07
CA THR A 875 -29.98 -12.70 20.71
C THR A 875 -28.73 -12.83 21.57
N PRO A 876 -27.81 -11.86 21.53
CA PRO A 876 -26.64 -11.92 22.40
C PRO A 876 -26.98 -11.48 23.82
N PRO A 877 -26.94 -12.40 24.79
CA PRO A 877 -27.30 -12.00 26.17
C PRO A 877 -26.40 -10.92 26.75
N SER A 878 -25.18 -10.77 26.23
CA SER A 878 -24.27 -9.74 26.74
C SER A 878 -24.85 -8.34 26.61
N LEU A 879 -25.82 -8.14 25.72
CA LEU A 879 -26.41 -6.84 25.47
C LEU A 879 -27.91 -6.80 25.68
N SER A 880 -28.62 -7.91 25.49
CA SER A 880 -30.07 -7.96 25.66
C SER A 880 -30.48 -8.27 27.09
N HIS A 881 -29.62 -8.91 27.89
CA HIS A 881 -29.83 -9.06 29.32
C HIS A 881 -28.95 -8.12 30.13
N SER A 882 -28.26 -7.19 29.47
CA SER A 882 -27.40 -6.25 30.16
C SER A 882 -28.23 -5.28 30.99
N GLY A 883 -27.66 -4.88 32.13
CA GLY A 883 -28.28 -3.89 32.98
C GLY A 883 -28.17 -2.47 32.47
N ASN A 884 -27.55 -2.29 31.30
CA ASN A 884 -27.37 -0.97 30.70
C ASN A 884 -28.37 -0.69 29.58
N ARG A 885 -29.42 -1.50 29.46
CA ARG A 885 -30.46 -1.25 28.49
C ARG A 885 -31.27 -0.01 28.90
N GLN A 886 -31.95 0.57 27.91
CA GLN A 886 -32.76 1.75 28.14
C GLN A 886 -33.71 1.92 26.96
N ARG A 887 -34.59 2.90 27.06
CA ARG A 887 -35.50 3.21 25.97
C ARG A 887 -34.70 3.71 24.76
N PRO A 888 -34.84 3.08 23.60
CA PRO A 888 -34.11 3.55 22.43
C PRO A 888 -34.48 4.99 22.11
N PRO A 889 -33.53 5.82 21.69
CA PRO A 889 -33.82 7.23 21.49
C PRO A 889 -34.87 7.47 20.40
N SER A 890 -35.22 8.74 20.19
CA SER A 890 -36.18 9.12 19.18
C SER A 890 -35.67 10.17 18.21
N GLY A 891 -34.60 10.90 18.56
CA GLY A 891 -34.09 11.95 17.71
C GLY A 891 -34.93 13.21 17.67
N ALA A 892 -36.03 13.25 18.42
CA ALA A 892 -36.90 14.43 18.41
C ALA A 892 -36.25 15.56 19.19
N GLY A 893 -36.19 16.74 18.57
CA GLY A 893 -35.56 17.90 19.17
C GLY A 893 -34.06 17.95 19.02
N SER A 894 -33.40 16.83 18.83
CA SER A 894 -31.95 16.79 18.65
C SER A 894 -31.61 17.13 17.21
N VAL A 895 -30.89 18.23 17.01
CA VAL A 895 -30.53 18.64 15.65
C VAL A 895 -29.73 17.53 14.99
N THR A 896 -30.11 17.18 13.77
CA THR A 896 -29.42 16.11 13.06
C THR A 896 -28.05 16.59 12.60
N PRO A 897 -27.03 15.73 12.66
CA PRO A 897 -25.72 16.12 12.11
C PRO A 897 -25.83 16.45 10.64
N GLU A 898 -25.06 17.45 10.22
CA GLU A 898 -25.03 17.92 8.84
C GLU A 898 -23.60 17.90 8.33
N ARG A 899 -23.46 17.72 7.02
CA ARG A 899 -22.14 17.78 6.41
C ARG A 899 -21.55 19.17 6.61
N MET A 900 -20.30 19.21 7.08
CA MET A 900 -19.68 20.49 7.38
C MET A 900 -19.65 21.37 6.14
N GLU A 901 -20.04 22.63 6.30
CA GLU A 901 -20.07 23.56 5.19
C GLU A 901 -18.68 23.68 4.58
N GLY A 902 -18.61 23.57 3.25
CA GLY A 902 -17.34 23.67 2.56
C GLY A 902 -16.49 22.43 2.59
N ASN A 903 -17.01 21.30 3.08
CA ASN A 903 -16.25 20.07 3.09
C ASN A 903 -15.83 19.70 1.67
N HIS A 904 -14.87 18.78 1.57
CA HIS A 904 -14.32 18.37 0.29
C HIS A 904 -14.28 16.85 0.16
N LEU A 905 -15.21 16.15 0.83
CA LEU A 905 -15.26 14.71 0.70
C LEU A 905 -15.56 14.28 -0.73
N HIS A 906 -16.34 15.07 -1.45
CA HIS A 906 -16.64 14.75 -2.84
C HIS A 906 -15.40 14.68 -3.70
N ARG A 907 -14.30 15.30 -3.26
CA ARG A 907 -13.05 15.23 -4.00
C ARG A 907 -12.44 13.83 -3.97
N TYR A 908 -12.79 13.02 -2.97
CA TYR A 908 -12.18 11.71 -2.79
C TYR A 908 -13.24 10.62 -2.68
N SER A 909 -14.41 10.86 -3.25
CA SER A 909 -15.53 9.93 -3.16
C SER A 909 -15.70 9.21 -4.49
N LYS A 910 -15.83 7.89 -4.42
CA LYS A 910 -16.21 7.10 -5.59
C LYS A 910 -17.69 7.24 -5.92
N VAL A 911 -18.48 7.86 -5.04
CA VAL A 911 -19.93 7.92 -5.18
C VAL A 911 -20.35 9.30 -5.64
N LEU A 912 -19.78 10.34 -5.05
CA LEU A 912 -20.17 11.72 -5.33
C LEU A 912 -19.25 12.34 -6.36
N GLU A 913 -19.84 13.04 -7.31
CA GLU A 913 -19.06 13.77 -8.31
C GLU A 913 -18.38 14.97 -7.69
N ALA A 914 -17.21 15.31 -8.23
CA ALA A 914 -16.45 16.48 -7.77
C ALA A 914 -17.06 17.76 -8.37
N HIS A 915 -18.35 17.93 -8.11
CA HIS A 915 -19.09 19.05 -8.69
C HIS A 915 -18.80 20.35 -7.97
N LEU A 916 -18.53 20.30 -6.66
CA LEU A 916 -18.20 21.46 -5.84
C LEU A 916 -19.43 22.33 -5.57
N GLY A 917 -20.54 22.04 -6.23
CA GLY A 917 -21.79 22.70 -5.94
C GLY A 917 -22.92 21.70 -5.79
N ASP A 918 -23.49 21.60 -4.59
CA ASP A 918 -24.51 20.61 -4.25
C ASP A 918 -24.11 19.26 -4.84
N PRO A 919 -22.97 18.69 -4.42
CA PRO A 919 -22.48 17.46 -5.06
C PRO A 919 -23.50 16.35 -4.99
N LYS A 920 -23.60 15.58 -6.08
CA LYS A 920 -24.59 14.54 -6.20
C LYS A 920 -23.91 13.21 -6.51
N PRO A 921 -24.54 12.08 -6.16
CA PRO A 921 -23.94 10.79 -6.48
C PRO A 921 -23.77 10.61 -7.99
N ARG A 922 -22.69 9.93 -8.37
CA ARG A 922 -22.49 9.55 -9.74
C ARG A 922 -23.51 8.49 -10.14
N PRO A 923 -23.69 8.27 -11.43
CA PRO A 923 -24.50 7.11 -11.86
C PRO A 923 -23.88 5.82 -11.36
N LEU A 924 -24.72 4.87 -11.00
CA LEU A 924 -24.24 3.61 -10.45
C LEU A 924 -23.27 2.95 -11.43
N PRO A 925 -22.09 2.54 -11.00
CA PRO A 925 -21.13 1.94 -11.93
C PRO A 925 -21.48 0.50 -12.25
N ALA A 926 -20.98 0.05 -13.41
CA ALA A 926 -21.18 -1.33 -13.82
C ALA A 926 -20.33 -2.26 -12.98
N CYS A 927 -20.90 -3.41 -12.63
CA CYS A 927 -20.19 -4.36 -11.79
C CYS A 927 -19.00 -4.95 -12.53
N PRO A 928 -17.86 -5.15 -11.88
CA PRO A 928 -16.71 -5.75 -12.56
C PRO A 928 -16.96 -7.20 -12.96
N ARG A 929 -16.35 -7.59 -14.08
CA ARG A 929 -16.49 -8.94 -14.61
C ARG A 929 -15.13 -9.45 -15.05
N LEU A 930 -14.99 -10.77 -15.05
CA LEU A 930 -13.76 -11.44 -15.44
C LEU A 930 -14.05 -12.53 -16.47
N SER A 931 -13.13 -12.70 -17.41
CA SER A 931 -13.19 -13.76 -18.40
C SER A 931 -12.19 -14.82 -18.00
N TRP A 932 -12.69 -15.93 -17.46
CA TRP A 932 -11.80 -16.97 -16.91
C TRP A 932 -11.00 -17.63 -18.03
N ALA A 933 -9.73 -17.86 -17.76
CA ALA A 933 -8.83 -18.51 -18.71
C ALA A 933 -8.25 -19.77 -18.08
N GLN B 60 24.54 4.23 -32.84
CA GLN B 60 23.77 4.06 -31.61
C GLN B 60 23.03 5.35 -31.25
N CYS B 61 21.85 5.21 -30.66
CA CYS B 61 21.02 6.33 -30.29
C CYS B 61 20.84 6.37 -28.78
N ARG B 62 20.91 7.57 -28.20
CA ARG B 62 20.54 7.78 -26.81
C ARG B 62 19.02 7.89 -26.72
N ASN B 63 18.37 6.85 -26.22
CA ASN B 63 16.92 6.83 -26.13
C ASN B 63 16.47 7.15 -24.72
N SER B 64 15.26 7.71 -24.61
CA SER B 64 14.66 8.02 -23.32
C SER B 64 14.26 6.70 -22.67
N ILE B 65 15.13 6.22 -21.78
CA ILE B 65 14.95 4.90 -21.18
C ILE B 65 13.62 4.77 -20.48
N GLN B 66 13.09 5.89 -19.96
CA GLN B 66 11.95 5.83 -19.05
C GLN B 66 10.72 5.25 -19.73
N GLY B 67 10.47 5.63 -20.99
CA GLY B 67 9.19 5.46 -21.63
C GLY B 67 8.47 4.13 -21.44
N LYS B 68 7.29 4.19 -20.82
CA LYS B 68 6.44 3.01 -20.71
C LYS B 68 5.94 2.55 -22.07
N HIS B 69 5.43 3.48 -22.87
CA HIS B 69 4.92 3.21 -24.20
C HIS B 69 5.78 3.81 -25.30
N LEU B 70 6.27 5.02 -25.09
CA LEU B 70 6.97 5.76 -26.13
C LEU B 70 8.47 5.79 -25.84
N ILE B 71 9.22 6.16 -26.87
CA ILE B 71 10.66 6.35 -26.80
C ILE B 71 11.03 7.49 -27.73
N THR B 72 11.90 8.38 -27.24
CA THR B 72 12.45 9.47 -28.01
C THR B 72 13.96 9.30 -28.05
N ASP B 73 14.53 9.30 -29.24
CA ASP B 73 15.97 9.24 -29.39
C ASP B 73 16.53 10.65 -29.47
N GLU B 74 17.87 10.74 -29.46
CA GLU B 74 18.50 12.05 -29.55
C GLU B 74 18.11 12.79 -30.82
N LEU B 75 17.67 12.06 -31.85
CA LEU B 75 17.25 12.70 -33.10
C LEU B 75 15.91 13.41 -32.93
N GLY B 76 14.95 12.75 -32.30
CA GLY B 76 13.65 13.35 -32.06
C GLY B 76 12.48 12.42 -32.29
N TYR B 77 12.75 11.28 -32.93
CA TYR B 77 11.68 10.35 -33.27
C TYR B 77 10.98 9.84 -32.03
N VAL B 78 9.65 9.89 -32.03
CA VAL B 78 8.85 9.32 -30.96
C VAL B 78 8.19 8.06 -31.50
N CYS B 79 8.50 6.92 -30.88
CA CYS B 79 8.07 5.63 -31.39
C CYS B 79 7.55 4.77 -30.26
N GLU B 80 6.54 3.97 -30.55
CA GLU B 80 6.03 3.04 -29.56
C GLU B 80 7.15 2.09 -29.11
N ARG B 81 6.90 1.36 -28.02
CA ARG B 81 7.89 0.42 -27.52
C ARG B 81 8.04 -0.81 -28.39
N LYS B 82 7.08 -1.08 -29.27
CA LYS B 82 7.21 -2.19 -30.20
C LYS B 82 8.09 -1.87 -31.39
N ASP B 83 8.40 -0.59 -31.62
CA ASP B 83 9.14 -0.14 -32.79
C ASP B 83 10.50 0.45 -32.41
N LEU B 84 11.17 -0.16 -31.44
CA LEU B 84 12.47 0.29 -30.98
C LEU B 84 13.55 -0.63 -31.51
N LEU B 85 14.55 -0.04 -32.17
CA LEU B 85 15.61 -0.82 -32.81
C LEU B 85 16.68 -1.22 -31.80
N VAL B 86 17.57 -2.12 -32.24
CA VAL B 86 18.62 -2.61 -31.36
C VAL B 86 19.58 -1.50 -30.98
N ASN B 87 19.90 -0.63 -31.92
CA ASN B 87 20.85 0.47 -31.67
C ASN B 87 20.24 1.60 -30.87
N GLY B 88 19.04 1.41 -30.31
CA GLY B 88 18.40 2.44 -29.52
C GLY B 88 17.63 3.46 -30.32
N CYS B 89 17.67 3.40 -31.64
CA CYS B 89 16.96 4.35 -32.48
C CYS B 89 15.54 3.87 -32.73
N CYS B 90 14.68 4.82 -33.07
CA CYS B 90 13.28 4.52 -33.35
C CYS B 90 13.11 4.06 -34.79
N ASN B 91 12.03 3.32 -35.04
CA ASN B 91 11.75 2.79 -36.37
C ASN B 91 11.14 3.91 -37.22
N VAL B 92 11.99 4.53 -38.06
CA VAL B 92 11.52 5.64 -38.88
C VAL B 92 10.53 5.17 -39.93
N ASN B 93 10.70 3.92 -40.42
CA ASN B 93 9.84 3.43 -41.49
C ASN B 93 8.38 3.37 -41.08
N VAL B 94 8.09 2.96 -39.86
CA VAL B 94 6.70 2.87 -39.40
C VAL B 94 6.10 4.27 -39.42
N PRO B 95 4.88 4.45 -39.96
CA PRO B 95 4.31 5.81 -40.01
C PRO B 95 4.10 6.43 -38.64
N SER B 96 3.90 5.62 -37.60
CA SER B 96 3.63 6.17 -36.27
C SER B 96 4.84 6.89 -35.69
N THR B 97 6.01 6.76 -36.29
CA THR B 97 7.23 7.38 -35.78
C THR B 97 7.39 8.74 -36.46
N LYS B 98 6.89 9.78 -35.80
CA LYS B 98 7.05 11.16 -36.25
C LYS B 98 7.97 11.88 -35.29
N GLN B 99 8.96 12.57 -35.85
CA GLN B 99 9.98 13.23 -35.03
C GLN B 99 9.57 14.66 -34.72
N TYR B 100 9.93 15.12 -33.51
CA TYR B 100 9.63 16.46 -33.04
C TYR B 100 8.12 16.68 -32.93
N CYS B 101 7.40 15.62 -32.60
CA CYS B 101 5.95 15.68 -32.49
C CYS B 101 5.56 16.35 -31.18
N CYS B 102 4.90 17.51 -31.28
CA CYS B 102 4.38 18.22 -30.13
C CYS B 102 2.97 17.80 -29.77
N ASP B 103 2.59 16.57 -30.09
CA ASP B 103 1.26 16.07 -29.77
C ASP B 103 1.01 16.13 -28.27
N GLY B 104 -0.15 16.66 -27.89
CA GLY B 104 -0.51 16.77 -26.49
C GLY B 104 0.13 17.93 -25.76
N CYS B 105 0.89 18.77 -26.44
CA CYS B 105 1.60 19.87 -25.80
C CYS B 105 0.75 21.12 -25.89
N TRP B 106 0.37 21.67 -24.73
CA TRP B 106 -0.47 22.84 -24.67
C TRP B 106 0.35 24.10 -25.00
N PRO B 107 -0.31 25.21 -25.32
CA PRO B 107 0.42 26.42 -25.69
C PRO B 107 1.33 26.94 -24.59
N ASN B 108 0.98 26.72 -23.32
CA ASN B 108 1.82 27.19 -22.22
C ASN B 108 3.14 26.45 -22.13
N GLY B 109 3.31 25.36 -22.86
CA GLY B 109 4.53 24.59 -22.83
C GLY B 109 4.48 23.33 -21.99
N CYS B 110 3.31 22.72 -21.86
CA CYS B 110 3.16 21.52 -21.05
C CYS B 110 2.50 20.43 -21.88
N CYS B 111 2.96 19.19 -21.70
CA CYS B 111 2.55 18.06 -22.50
C CYS B 111 2.06 16.94 -21.60
N SER B 112 1.12 16.16 -22.12
CA SER B 112 0.56 15.04 -21.36
C SER B 112 1.50 13.85 -21.32
N ALA B 113 2.50 13.80 -22.19
CA ALA B 113 3.44 12.69 -22.27
C ALA B 113 4.86 13.22 -22.13
N TYR B 114 5.67 12.51 -21.34
CA TYR B 114 7.05 12.92 -21.13
C TYR B 114 7.85 12.84 -22.44
N GLU B 115 7.62 11.81 -23.25
CA GLU B 115 8.40 11.64 -24.46
C GLU B 115 7.99 12.66 -25.52
N TYR B 116 6.70 12.99 -25.59
CA TYR B 116 6.29 14.10 -26.45
C TYR B 116 6.81 15.42 -25.93
N CYS B 117 6.90 15.57 -24.61
CA CYS B 117 7.55 16.75 -24.05
C CYS B 117 9.00 16.86 -24.51
N VAL B 118 9.72 15.73 -24.49
CA VAL B 118 11.11 15.73 -24.93
C VAL B 118 11.19 16.04 -26.43
N SER B 119 10.31 15.43 -27.22
CA SER B 119 10.35 15.64 -28.68
C SER B 119 10.06 17.10 -29.02
N CYS B 120 9.05 17.68 -28.38
CA CYS B 120 8.76 19.10 -28.59
C CYS B 120 9.93 19.95 -28.11
N CYS B 121 10.53 19.57 -26.98
CA CYS B 121 11.70 20.27 -26.48
C CYS B 121 12.91 20.11 -27.39
N LEU B 122 12.95 19.04 -28.19
CA LEU B 122 14.02 18.82 -29.15
C LEU B 122 13.76 19.51 -30.48
N GLN B 123 12.65 20.24 -30.60
CA GLN B 123 12.33 20.88 -31.86
C GLN B 123 13.47 21.82 -32.27
N PRO B 124 13.83 21.87 -33.56
CA PRO B 124 14.91 22.75 -34.02
C PRO B 124 14.52 24.23 -34.02
N HIS B 151 21.29 18.63 -26.43
CA HIS B 151 20.20 19.08 -25.58
C HIS B 151 19.35 17.92 -25.08
N PHE B 152 19.69 16.71 -25.50
CA PHE B 152 18.83 15.57 -25.18
C PHE B 152 18.73 15.35 -23.67
N GLU B 153 19.85 15.41 -22.95
CA GLU B 153 19.81 15.30 -21.50
C GLU B 153 19.07 16.48 -20.89
N LEU B 154 19.28 17.69 -21.43
CA LEU B 154 18.57 18.85 -20.94
C LEU B 154 17.06 18.69 -21.09
N CYS B 155 16.61 18.22 -22.26
CA CYS B 155 15.19 18.02 -22.47
C CYS B 155 14.65 16.88 -21.60
N LEU B 156 15.46 15.84 -21.39
CA LEU B 156 15.04 14.75 -20.51
C LEU B 156 14.82 15.26 -19.09
N ALA B 157 15.72 16.12 -18.60
CA ALA B 157 15.63 16.63 -17.24
C ALA B 157 14.50 17.66 -17.10
N LYS B 158 14.41 18.61 -18.04
CA LYS B 158 13.42 19.67 -17.94
C LYS B 158 12.00 19.18 -18.13
N CYS B 159 11.82 18.00 -18.71
CA CYS B 159 10.49 17.45 -18.92
C CYS B 159 10.07 16.51 -17.79
N ARG B 160 10.96 16.19 -16.86
CA ARG B 160 10.56 15.42 -15.69
C ARG B 160 9.81 16.33 -14.74
N THR B 161 8.79 15.78 -14.08
CA THR B 161 8.08 16.55 -13.09
C THR B 161 9.04 16.99 -11.99
N SER B 162 9.02 18.29 -11.67
CA SER B 162 9.99 18.87 -10.76
C SER B 162 9.28 19.61 -9.63
N SER B 163 10.04 20.41 -8.87
CA SER B 163 9.43 21.20 -7.80
C SER B 163 8.41 22.18 -8.34
N GLN B 164 8.74 22.87 -9.44
CA GLN B 164 7.86 23.89 -9.99
C GLN B 164 6.63 23.29 -10.66
N SER B 165 6.57 21.97 -10.83
CA SER B 165 5.45 21.32 -11.48
C SER B 165 4.32 20.98 -10.50
N VAL B 166 4.47 21.33 -9.22
CA VAL B 166 3.53 20.93 -8.20
C VAL B 166 3.11 22.14 -7.38
N GLN B 167 1.94 22.02 -6.76
CA GLN B 167 1.43 22.98 -5.79
C GLN B 167 1.07 22.22 -4.53
N HIS B 168 1.43 22.79 -3.37
CA HIS B 168 1.29 22.13 -2.08
C HIS B 168 2.13 20.87 -1.99
N GLU B 169 3.14 20.76 -2.85
CA GLU B 169 4.18 19.74 -2.79
C GLU B 169 3.71 18.35 -3.20
N ASN B 170 2.40 18.14 -3.35
CA ASN B 170 1.92 16.79 -3.62
C ASN B 170 0.76 16.77 -4.62
N THR B 171 0.59 17.85 -5.38
CA THR B 171 -0.45 17.92 -6.40
C THR B 171 0.09 18.73 -7.56
N TYR B 172 -0.14 18.23 -8.78
CA TYR B 172 0.31 18.95 -9.96
C TYR B 172 -0.51 20.22 -10.15
N ARG B 173 0.15 21.27 -10.62
CA ARG B 173 -0.56 22.46 -11.09
C ARG B 173 -1.27 22.22 -12.42
N ASP B 174 -1.02 21.08 -13.07
CA ASP B 174 -1.67 20.71 -14.32
C ASP B 174 -1.49 19.22 -14.55
N PRO B 175 -2.28 18.36 -13.89
CA PRO B 175 -2.07 16.92 -14.04
C PRO B 175 -2.13 16.42 -15.46
N ILE B 176 -3.04 16.98 -16.27
CA ILE B 176 -3.18 16.52 -17.65
C ILE B 176 -1.99 16.93 -18.50
N ALA B 177 -1.20 17.90 -18.06
CA ALA B 177 -0.02 18.37 -18.76
C ALA B 177 1.14 18.52 -17.79
N LYS B 178 1.38 17.47 -16.99
CA LYS B 178 2.37 17.53 -15.92
C LYS B 178 3.80 17.62 -16.41
N TYR B 179 4.06 17.34 -17.69
CA TYR B 179 5.42 17.39 -18.26
C TYR B 179 5.54 18.65 -19.08
N CYS B 180 6.37 19.58 -18.59
CA CYS B 180 6.50 20.90 -19.19
C CYS B 180 7.94 21.15 -19.56
N TYR B 181 8.14 21.74 -20.74
CA TYR B 181 9.46 22.05 -21.26
C TYR B 181 9.75 23.54 -21.27
N GLY B 182 8.80 24.36 -20.83
CA GLY B 182 8.98 25.79 -20.77
C GLY B 182 8.09 26.41 -19.70
C1 NAG C . -1.67 -5.52 -9.09
C2 NAG C . -3.12 -5.06 -9.23
C3 NAG C . -3.21 -3.89 -10.21
C4 NAG C . -2.18 -2.81 -9.89
C5 NAG C . -0.80 -3.38 -9.60
C6 NAG C . 0.14 -2.36 -9.03
C7 NAG C . -5.23 -6.35 -9.22
C8 NAG C . -5.72 -5.41 -8.18
N2 NAG C . -3.98 -6.15 -9.67
O3 NAG C . -4.52 -3.34 -10.18
O4 NAG C . -2.01 -1.99 -11.04
O5 NAG C . -0.89 -4.44 -8.64
O6 NAG C . -0.41 -1.70 -7.89
O7 NAG C . -5.93 -7.27 -9.64
H2 NAG C . -3.39 -4.73 -8.35
H3 NAG C . -3.02 -4.23 -11.11
H4 NAG C . -2.49 -2.26 -9.14
H5 NAG C . -0.42 -3.73 -10.42
H61 NAG C . 0.34 -1.69 -9.72
H62 NAG C . 0.98 -2.81 -8.77
H81 NAG C . -6.66 -5.61 -8.03
H82 NAG C . -5.64 -4.48 -8.49
H83 NAG C . -5.21 -5.53 -7.36
HN2 NAG C . -3.66 -6.70 -10.32
HO3 NAG C . -4.83 -3.29 -11.02
HO6 NAG C . -1.03 -2.22 -7.53
C1 NAG C . -2.97 -0.96 -11.20
C2 NAG C . -2.30 -0.01 -12.17
C3 NAG C . -3.26 1.11 -12.56
C4 NAG C . -4.55 0.52 -13.11
C5 NAG C . -5.14 -0.43 -12.08
C6 NAG C . -6.37 -1.15 -12.57
C7 NAG C . 0.14 0.17 -12.03
C8 NAG C . 1.30 0.82 -11.35
N2 NAG C . -1.07 0.53 -11.61
O3 NAG C . -2.63 1.94 -13.52
O4 NAG C . -5.50 1.53 -13.43
O5 NAG C . -4.18 -1.45 -11.76
O6 NAG C . -7.55 -0.58 -12.02
O7 NAG C . 0.31 -0.64 -12.95
H2 NAG C . -2.08 -0.51 -12.99
H3 NAG C . -3.47 1.64 -11.77
H4 NAG C . -4.34 -0.01 -13.90
H5 NAG C . -5.36 0.07 -11.27
H61 NAG C . -6.33 -2.09 -12.31
H62 NAG C . -6.42 -1.09 -13.54
H81 NAG C . 2.13 0.49 -11.72
H82 NAG C . 1.27 0.63 -10.39
H83 NAG C . 1.24 1.79 -11.47
HN2 NAG C . -1.14 1.14 -10.94
HO3 NAG C . -2.67 2.79 -13.27
HO6 NAG C . -7.90 0.01 -12.59
C1 BMA C . -5.14 2.41 -14.52
C2 BMA C . -4.62 1.62 -15.77
C3 BMA C . -4.43 2.57 -16.94
C4 BMA C . -5.68 3.41 -17.18
C5 BMA C . -6.04 4.17 -15.90
C6 BMA C . -7.27 5.03 -16.05
O2 BMA C . -5.56 0.64 -16.18
O3 BMA C . -4.07 1.87 -18.13
O4 BMA C . -5.46 4.33 -18.24
O5 BMA C . -6.28 3.21 -14.86
O6 BMA C . -7.18 5.73 -17.28
H2 BMA C . -3.66 1.16 -15.53
H3 BMA C . -3.60 3.26 -16.73
H4 BMA C . -6.52 2.73 -17.41
H5 BMA C . -5.19 4.82 -15.62
H61 BMA C . -7.33 5.71 -15.19
H62 BMA C . -8.14 4.36 -16.02
HO2 BMA C . -5.59 0.69 -17.15
HO3 BMA C . -4.52 2.34 -18.86
HO4 BMA C . -4.63 4.78 -18.02
HO6 BMA C . -7.46 6.64 -17.11
C1 NAG D . -20.21 19.89 19.59
C2 NAG D . -21.47 20.24 18.83
C3 NAG D . -22.47 20.90 19.77
C4 NAG D . -22.74 20.00 20.97
C5 NAG D . -21.42 19.58 21.63
C6 NAG D . -21.62 18.54 22.71
C7 NAG D . -21.75 21.01 16.49
C8 NAG D . -22.77 19.94 16.33
N2 NAG D . -21.17 21.11 17.70
O3 NAG D . -23.69 21.16 19.08
O4 NAG D . -23.54 20.69 21.92
O5 NAG D . -20.53 19.01 20.67
O6 NAG D . -21.11 17.27 22.30
O7 NAG D . -21.45 21.77 15.58
H2 NAG D . -21.86 19.40 18.53
H3 NAG D . -22.10 21.75 20.08
H4 NAG D . -23.21 19.20 20.66
H5 NAG D . -21.00 20.37 22.03
H61 NAG D . -22.57 18.45 22.91
H62 NAG D . -21.15 18.83 23.52
H81 NAG D . -23.17 20.01 15.45
H82 NAG D . -23.46 20.03 17.00
H83 NAG D . -22.34 19.06 16.41
HN2 NAG D . -20.55 21.76 17.82
HO3 NAG D . -24.21 20.44 19.12
HO4 NAG D . -24.14 20.13 22.26
HO6 NAG D . -20.65 17.36 21.56
CA CA E . -12.54 3.79 7.19
#